data_9QWO
#
_entry.id   9QWO
#
_cell.length_a   177.382
_cell.length_b   70.562
_cell.length_c   117.372
_cell.angle_alpha   90.00
_cell.angle_beta   131.25
_cell.angle_gamma   90.00
#
_symmetry.space_group_name_H-M   'C 1 2 1'
#
loop_
_entity.id
_entity.type
_entity.pdbx_description
1 polymer 'Isoform 1 of Vinculin'
2 polymer 'Isoform Gamma of Paxillin'
3 polymer Paxillin
4 non-polymer 'SULFATE ION'
5 non-polymer 'ACETATE ION'
6 water water
#
loop_
_entity_poly.entity_id
_entity_poly.type
_entity_poly.pdbx_seq_one_letter_code
_entity_poly.pdbx_strand_id
1 'polypeptide(L)'
;GPLGSGEVINQPMMMAARQLHDEARKWSSKGNDIIAAAKRMALLMAEMSRLVRGGSGTKRALIQCAKDIAKASDEVTRLA
KEVAKQCTDKRIRTNLLQVCERIPTISTQLKILSTVKATMLGRTNISDEESEQATEMLVHNAQNLMQSVKETVREAEAAS
IKIRTDAGFTLRWVRKTPWYQ
;
A,B,C,D
2 'polypeptide(L)' SNLSELDRLLLELNAVQHN E,F
3 'polypeptide(L)' MDDLDALLADLES G,H
#
# COMPACT_ATOMS: atom_id res chain seq x y z
N GLU A 7 26.54 0.54 5.41
CA GLU A 7 26.61 -0.25 6.67
C GLU A 7 26.77 -1.73 6.33
N VAL A 8 27.37 -2.48 7.27
CA VAL A 8 27.73 -3.87 7.04
C VAL A 8 26.76 -4.78 7.79
N ILE A 9 25.78 -5.32 7.06
CA ILE A 9 24.81 -6.25 7.62
C ILE A 9 25.25 -7.67 7.25
N ASN A 10 24.49 -8.66 7.74
CA ASN A 10 24.71 -10.05 7.37
C ASN A 10 23.99 -10.30 6.04
N GLN A 11 24.78 -10.64 5.00
CA GLN A 11 24.29 -10.70 3.63
C GLN A 11 23.35 -11.88 3.44
N PRO A 12 23.73 -13.13 3.80
CA PRO A 12 22.85 -14.29 3.61
C PRO A 12 21.43 -14.16 4.15
N MET A 13 21.27 -13.40 5.25
CA MET A 13 19.98 -13.24 5.90
C MET A 13 19.19 -12.13 5.23
N MET A 14 19.89 -11.12 4.70
CA MET A 14 19.23 -10.08 3.95
C MET A 14 18.74 -10.66 2.62
N MET A 15 19.56 -11.55 2.02
CA MET A 15 19.25 -12.19 0.75
C MET A 15 18.05 -13.12 0.92
N ALA A 16 17.97 -13.81 2.07
CA ALA A 16 16.82 -14.63 2.39
C ALA A 16 15.59 -13.74 2.57
N ALA A 17 15.70 -12.74 3.44
CA ALA A 17 14.64 -11.76 3.64
C ALA A 17 14.13 -11.23 2.30
N ARG A 18 15.07 -10.93 1.40
CA ARG A 18 14.77 -10.30 0.12
C ARG A 18 14.09 -11.29 -0.82
N GLN A 19 14.51 -12.57 -0.78
CA GLN A 19 13.94 -13.61 -1.63
C GLN A 19 12.48 -13.86 -1.26
N LEU A 20 12.23 -14.05 0.05
CA LEU A 20 10.88 -14.27 0.54
C LEU A 20 9.99 -13.07 0.17
N HIS A 21 10.55 -11.86 0.26
CA HIS A 21 9.78 -10.66 -0.03
C HIS A 21 9.34 -10.63 -1.49
N ASP A 22 10.16 -11.18 -2.39
CA ASP A 22 9.87 -11.18 -3.81
C ASP A 22 8.70 -12.13 -4.09
N GLU A 23 8.57 -13.19 -3.28
CA GLU A 23 7.57 -14.22 -3.48
C GLU A 23 6.23 -13.79 -2.89
N ALA A 24 6.21 -12.68 -2.13
CA ALA A 24 4.98 -12.21 -1.49
C ALA A 24 4.56 -10.81 -1.96
N ARG A 25 5.49 -10.03 -2.50
CA ARG A 25 5.30 -8.58 -2.62
C ARG A 25 4.28 -8.26 -3.71
N LYS A 26 4.18 -9.12 -4.74
CA LYS A 26 3.28 -8.89 -5.85
C LYS A 26 1.85 -9.31 -5.52
N TRP A 27 1.63 -9.88 -4.33
CA TRP A 27 0.30 -10.27 -3.90
C TRP A 27 -0.26 -9.31 -2.88
N SER A 28 -1.60 -9.26 -2.78
CA SER A 28 -2.29 -8.39 -1.85
C SER A 28 -2.44 -9.10 -0.50
N SER A 29 -2.40 -8.29 0.57
CA SER A 29 -2.57 -8.75 1.93
C SER A 29 -4.04 -8.72 2.34
N LYS A 30 -4.90 -8.17 1.49
CA LYS A 30 -6.32 -8.06 1.79
C LYS A 30 -7.02 -9.39 1.50
N GLY A 31 -7.42 -10.06 2.60
CA GLY A 31 -8.05 -11.38 2.54
C GLY A 31 -7.02 -12.50 2.41
N ASN A 32 -5.80 -12.28 2.91
CA ASN A 32 -4.72 -13.25 2.77
C ASN A 32 -3.69 -13.05 3.87
N ASP A 33 -3.98 -13.59 5.07
CA ASP A 33 -3.11 -13.44 6.22
C ASP A 33 -1.82 -14.25 6.06
N ILE A 34 -1.80 -15.21 5.12
CA ILE A 34 -0.58 -15.90 4.77
C ILE A 34 0.40 -14.94 4.10
N ILE A 35 -0.08 -14.12 3.17
CA ILE A 35 0.78 -13.20 2.46
C ILE A 35 1.26 -12.10 3.41
N ALA A 36 0.37 -11.63 4.28
CA ALA A 36 0.69 -10.64 5.30
C ALA A 36 1.76 -11.17 6.25
N ALA A 37 1.58 -12.42 6.72
CA ALA A 37 2.55 -13.06 7.59
C ALA A 37 3.91 -13.17 6.89
N ALA A 38 3.89 -13.56 5.62
CA ALA A 38 5.12 -13.70 4.83
C ALA A 38 5.89 -12.38 4.85
N LYS A 39 5.21 -11.30 4.43
CA LYS A 39 5.80 -9.97 4.31
C LYS A 39 6.32 -9.47 5.66
N ARG A 40 5.55 -9.70 6.74
CA ARG A 40 6.00 -9.38 8.08
C ARG A 40 7.28 -10.15 8.42
N MET A 41 7.32 -11.46 8.12
CA MET A 41 8.49 -12.27 8.42
C MET A 41 9.69 -11.80 7.61
N ALA A 42 9.46 -11.42 6.35
CA ALA A 42 10.55 -10.95 5.50
C ALA A 42 11.17 -9.69 6.09
N LEU A 43 10.31 -8.79 6.59
CA LEU A 43 10.75 -7.54 7.18
C LEU A 43 11.54 -7.82 8.46
N LEU A 44 11.08 -8.79 9.24
CA LEU A 44 11.70 -9.14 10.51
C LEU A 44 13.09 -9.75 10.29
N MET A 45 13.25 -10.57 9.24
CA MET A 45 14.54 -11.14 8.90
C MET A 45 15.48 -10.06 8.38
N ALA A 46 14.92 -9.04 7.71
CA ALA A 46 15.73 -7.91 7.30
C ALA A 46 16.35 -7.23 8.53
N GLU A 47 15.55 -7.07 9.60
CA GLU A 47 15.97 -6.42 10.82
C GLU A 47 17.05 -7.26 11.51
N MET A 48 16.77 -8.55 11.69
CA MET A 48 17.70 -9.50 12.28
C MET A 48 19.05 -9.44 11.59
N SER A 49 19.02 -9.30 10.25
CA SER A 49 20.20 -9.20 9.42
C SER A 49 21.10 -8.03 9.85
N ARG A 50 20.49 -6.97 10.40
CA ARG A 50 21.21 -5.81 10.86
C ARG A 50 21.58 -5.92 12.33
N LEU A 51 20.79 -6.66 13.12
CA LEU A 51 20.98 -6.75 14.55
C LEU A 51 22.19 -7.63 14.89
N VAL A 52 22.48 -8.62 14.04
CA VAL A 52 23.38 -9.72 14.36
C VAL A 52 24.81 -9.21 14.54
N ARG A 53 25.17 -8.14 13.82
CA ARG A 53 26.51 -7.57 13.88
C ARG A 53 26.75 -6.82 15.19
N GLY A 54 25.71 -6.68 16.02
CA GLY A 54 25.86 -6.11 17.35
C GLY A 54 25.80 -4.58 17.32
N GLY A 55 25.49 -3.99 18.47
CA GLY A 55 25.30 -2.55 18.57
C GLY A 55 24.51 -2.20 19.83
N SER A 56 24.21 -0.91 19.98
CA SER A 56 23.48 -0.43 21.15
C SER A 56 22.03 -0.93 21.10
N GLY A 57 21.65 -1.72 22.10
CA GLY A 57 20.29 -2.20 22.28
C GLY A 57 20.00 -3.47 21.47
N THR A 58 21.06 -4.14 21.01
CA THR A 58 20.92 -5.24 20.07
C THR A 58 20.55 -6.54 20.81
N LYS A 59 21.12 -6.74 22.01
CA LYS A 59 20.81 -7.94 22.79
C LYS A 59 19.29 -8.10 22.89
N ARG A 60 18.65 -7.08 23.44
CA ARG A 60 17.22 -7.09 23.71
C ARG A 60 16.42 -7.14 22.40
N ALA A 61 16.86 -6.36 21.40
CA ALA A 61 16.15 -6.25 20.14
C ALA A 61 16.18 -7.60 19.41
N LEU A 62 17.34 -8.28 19.45
CA LEU A 62 17.55 -9.51 18.70
C LEU A 62 16.62 -10.61 19.24
N ILE A 63 16.54 -10.74 20.57
CA ILE A 63 15.67 -11.71 21.20
C ILE A 63 14.22 -11.42 20.80
N GLN A 64 13.75 -10.20 21.06
CA GLN A 64 12.38 -9.81 20.76
C GLN A 64 12.08 -10.09 19.28
N CYS A 65 13.04 -9.75 18.41
CA CYS A 65 12.94 -10.00 16.99
C CYS A 65 12.67 -11.48 16.70
N ALA A 66 13.40 -12.37 17.38
CA ALA A 66 13.26 -13.80 17.20
C ALA A 66 11.88 -14.27 17.61
N LYS A 67 11.42 -13.78 18.76
CA LYS A 67 10.07 -14.08 19.25
C LYS A 67 9.02 -13.66 18.23
N ASP A 68 9.19 -12.49 17.60
CA ASP A 68 8.23 -11.98 16.64
C ASP A 68 8.14 -12.89 15.41
N ILE A 69 9.29 -13.31 14.90
CA ILE A 69 9.36 -14.24 13.78
C ILE A 69 8.67 -15.56 14.16
N ALA A 70 8.77 -15.96 15.42
CA ALA A 70 8.15 -17.18 15.90
C ALA A 70 6.63 -17.03 15.99
N LYS A 71 6.14 -15.80 16.21
CA LYS A 71 4.71 -15.54 16.27
C LYS A 71 4.12 -15.64 14.86
N ALA A 72 4.75 -14.96 13.90
CA ALA A 72 4.34 -14.97 12.52
C ALA A 72 4.47 -16.36 11.91
N SER A 73 5.41 -17.16 12.44
CA SER A 73 5.64 -18.50 11.95
C SER A 73 4.43 -19.38 12.27
N ASP A 74 4.08 -19.43 13.56
CA ASP A 74 2.94 -20.20 14.03
C ASP A 74 1.67 -19.80 13.26
N GLU A 75 1.63 -18.57 12.74
CA GLU A 75 0.49 -18.07 11.99
C GLU A 75 0.44 -18.71 10.59
N VAL A 76 1.57 -18.64 9.87
CA VAL A 76 1.69 -19.21 8.54
C VAL A 76 1.42 -20.71 8.60
N THR A 77 1.92 -21.37 9.66
CA THR A 77 1.73 -22.80 9.87
C THR A 77 0.24 -23.12 9.90
N ARG A 78 -0.48 -22.48 10.82
CA ARG A 78 -1.86 -22.85 11.13
C ARG A 78 -2.77 -22.53 9.93
N LEU A 79 -2.52 -21.41 9.25
CA LEU A 79 -3.26 -21.01 8.06
C LEU A 79 -3.02 -22.01 6.93
N ALA A 80 -1.79 -22.55 6.84
CA ALA A 80 -1.44 -23.52 5.83
C ALA A 80 -2.16 -24.85 6.05
N LYS A 81 -2.46 -25.17 7.31
CA LYS A 81 -3.11 -26.41 7.68
C LYS A 81 -4.61 -26.33 7.38
N GLU A 82 -5.14 -25.10 7.36
CA GLU A 82 -6.54 -24.89 7.04
C GLU A 82 -6.75 -25.09 5.54
N VAL A 83 -5.95 -24.39 4.71
CA VAL A 83 -6.09 -24.48 3.27
C VAL A 83 -5.90 -25.93 2.81
N ALA A 84 -4.97 -26.63 3.47
CA ALA A 84 -4.70 -28.02 3.16
C ALA A 84 -5.93 -28.88 3.47
N LYS A 85 -6.69 -28.48 4.49
CA LYS A 85 -7.89 -29.18 4.89
C LYS A 85 -8.96 -29.14 3.79
N GLN A 86 -8.95 -28.08 2.96
CA GLN A 86 -9.97 -27.89 1.93
C GLN A 86 -9.47 -28.36 0.57
N CYS A 87 -8.18 -28.72 0.45
CA CYS A 87 -7.59 -29.08 -0.83
C CYS A 87 -7.97 -30.50 -1.25
N THR A 88 -8.53 -30.63 -2.46
CA THR A 88 -9.03 -31.91 -2.94
C THR A 88 -7.91 -32.76 -3.52
N ASP A 89 -6.80 -32.11 -3.95
CA ASP A 89 -5.66 -32.82 -4.49
C ASP A 89 -4.76 -33.28 -3.34
N LYS A 90 -4.55 -34.60 -3.25
CA LYS A 90 -3.85 -35.20 -2.11
C LYS A 90 -2.35 -34.88 -2.18
N ARG A 91 -1.77 -34.92 -3.39
CA ARG A 91 -0.35 -34.63 -3.57
C ARG A 91 -0.01 -33.24 -3.03
N ILE A 92 -0.79 -32.22 -3.44
CA ILE A 92 -0.56 -30.84 -3.02
C ILE A 92 -0.81 -30.71 -1.52
N ARG A 93 -1.82 -31.43 -1.04
CA ARG A 93 -2.19 -31.43 0.37
C ARG A 93 -1.09 -32.07 1.21
N THR A 94 -0.35 -33.03 0.61
CA THR A 94 0.71 -33.74 1.30
C THR A 94 1.97 -32.88 1.35
N ASN A 95 2.30 -32.24 0.22
CA ASN A 95 3.54 -31.49 0.09
C ASN A 95 3.47 -30.16 0.85
N LEU A 96 2.25 -29.62 1.02
CA LEU A 96 2.07 -28.41 1.81
C LEU A 96 2.16 -28.73 3.30
N LEU A 97 1.66 -29.89 3.72
CA LEU A 97 1.61 -30.26 5.12
C LEU A 97 3.04 -30.56 5.61
N GLN A 98 3.84 -31.15 4.72
CA GLN A 98 5.21 -31.51 5.00
C GLN A 98 6.01 -30.24 5.30
N VAL A 99 5.96 -29.31 4.35
CA VAL A 99 6.80 -28.12 4.37
C VAL A 99 6.39 -27.20 5.51
N CYS A 100 5.08 -27.12 5.80
CA CYS A 100 4.58 -26.15 6.75
C CYS A 100 4.81 -26.64 8.18
N GLU A 101 4.62 -27.95 8.41
CA GLU A 101 4.78 -28.56 9.72
C GLU A 101 6.23 -28.57 10.18
N ARG A 102 7.15 -28.22 9.28
CA ARG A 102 8.57 -28.08 9.58
C ARG A 102 8.88 -26.76 10.29
N ILE A 103 8.02 -25.75 10.06
CA ILE A 103 8.31 -24.36 10.38
C ILE A 103 8.36 -24.15 11.89
N PRO A 104 7.40 -24.68 12.68
CA PRO A 104 7.43 -24.50 14.13
C PRO A 104 8.73 -24.91 14.83
N THR A 105 9.35 -26.01 14.38
CA THR A 105 10.57 -26.53 14.98
C THR A 105 11.74 -25.58 14.70
N ILE A 106 11.80 -25.05 13.48
CA ILE A 106 12.88 -24.18 13.04
C ILE A 106 12.84 -22.85 13.80
N SER A 107 11.67 -22.20 13.82
CA SER A 107 11.50 -20.95 14.54
C SER A 107 11.87 -21.10 16.02
N THR A 108 11.58 -22.27 16.61
CA THR A 108 11.89 -22.52 18.01
C THR A 108 13.41 -22.54 18.19
N GLN A 109 14.11 -23.18 17.25
CA GLN A 109 15.56 -23.24 17.26
C GLN A 109 16.16 -21.87 16.95
N LEU A 110 15.44 -21.08 16.15
CA LEU A 110 15.83 -19.72 15.82
C LEU A 110 15.87 -18.89 17.11
N LYS A 111 14.78 -18.99 17.89
CA LYS A 111 14.66 -18.30 19.17
C LYS A 111 15.81 -18.68 20.09
N ILE A 112 16.11 -19.98 20.16
CA ILE A 112 17.20 -20.51 20.96
C ILE A 112 18.49 -19.83 20.48
N LEU A 113 18.80 -19.96 19.19
CA LEU A 113 20.08 -19.51 18.67
C LEU A 113 20.21 -17.99 18.78
N SER A 114 19.06 -17.28 18.68
CA SER A 114 19.02 -15.82 18.77
C SER A 114 19.31 -15.35 20.18
N THR A 115 18.78 -16.09 21.17
CA THR A 115 19.07 -15.83 22.57
C THR A 115 20.55 -16.08 22.84
N VAL A 116 21.14 -17.03 22.10
CA VAL A 116 22.55 -17.37 22.23
C VAL A 116 23.41 -16.21 21.71
N LYS A 117 23.16 -15.82 20.45
CA LYS A 117 23.93 -14.76 19.81
C LYS A 117 23.80 -13.45 20.60
N ALA A 118 22.57 -13.17 21.07
CA ALA A 118 22.27 -11.96 21.82
C ALA A 118 23.18 -11.82 23.04
N THR A 119 23.40 -12.93 23.74
CA THR A 119 24.15 -12.92 24.98
C THR A 119 25.65 -12.85 24.70
N MET A 120 26.07 -13.34 23.54
CA MET A 120 27.48 -13.28 23.14
C MET A 120 27.85 -11.85 22.74
N LEU A 121 26.90 -11.12 22.16
CA LEU A 121 27.13 -9.73 21.79
C LEU A 121 27.44 -8.94 23.06
N GLY A 122 28.67 -8.40 23.13
CA GLY A 122 29.09 -7.51 24.20
C GLY A 122 30.20 -8.11 25.05
N ARG A 123 30.12 -9.43 25.28
CA ARG A 123 31.05 -10.13 26.15
C ARG A 123 32.40 -10.26 25.47
N THR A 124 33.47 -10.22 26.26
CA THR A 124 34.84 -10.39 25.76
C THR A 124 35.33 -11.81 26.06
N ASN A 125 34.62 -12.52 26.93
CA ASN A 125 35.01 -13.85 27.38
C ASN A 125 34.70 -14.88 26.29
N ILE A 126 34.07 -14.44 25.19
CA ILE A 126 33.74 -15.30 24.08
C ILE A 126 34.89 -15.27 23.06
N SER A 127 35.22 -16.43 22.49
CA SER A 127 36.21 -16.56 21.44
C SER A 127 35.60 -16.22 20.08
N ASP A 128 36.48 -15.92 19.11
CA ASP A 128 36.06 -15.61 17.76
C ASP A 128 35.49 -16.86 17.08
N GLU A 129 36.05 -18.02 17.41
CA GLU A 129 35.56 -19.28 16.86
C GLU A 129 34.10 -19.47 17.27
N GLU A 130 33.84 -19.32 18.57
CA GLU A 130 32.53 -19.57 19.15
C GLU A 130 31.54 -18.48 18.75
N SER A 131 32.05 -17.28 18.47
CA SER A 131 31.20 -16.18 18.04
C SER A 131 30.75 -16.38 16.60
N GLU A 132 31.71 -16.70 15.73
CA GLU A 132 31.44 -16.92 14.31
C GLU A 132 30.51 -18.12 14.12
N GLN A 133 30.76 -19.20 14.88
CA GLN A 133 30.00 -20.43 14.72
C GLN A 133 28.56 -20.21 15.15
N ALA A 134 28.36 -19.52 16.28
CA ALA A 134 27.01 -19.20 16.74
C ALA A 134 26.25 -18.37 15.70
N THR A 135 26.98 -17.55 14.93
CA THR A 135 26.41 -16.71 13.90
C THR A 135 26.04 -17.56 12.70
N GLU A 136 26.91 -18.52 12.36
CA GLU A 136 26.69 -19.43 11.25
C GLU A 136 25.43 -20.26 11.49
N MET A 137 25.29 -20.75 12.73
CA MET A 137 24.14 -21.54 13.13
C MET A 137 22.85 -20.75 12.93
N LEU A 138 22.89 -19.47 13.30
CA LEU A 138 21.74 -18.58 13.26
C LEU A 138 21.31 -18.35 11.80
N VAL A 139 22.30 -18.14 10.93
CA VAL A 139 22.07 -17.97 9.50
C VAL A 139 21.49 -19.24 8.89
N HIS A 140 22.01 -20.41 9.29
CA HIS A 140 21.57 -21.69 8.76
C HIS A 140 20.07 -21.84 9.01
N ASN A 141 19.63 -21.56 10.24
CA ASN A 141 18.22 -21.71 10.61
C ASN A 141 17.39 -20.64 9.91
N ALA A 142 17.98 -19.45 9.71
CA ALA A 142 17.29 -18.35 9.04
C ALA A 142 16.99 -18.70 7.59
N GLN A 143 18.00 -19.21 6.88
CA GLN A 143 17.89 -19.54 5.47
C GLN A 143 16.80 -20.58 5.29
N ASN A 144 16.76 -21.57 6.19
CA ASN A 144 15.80 -22.66 6.12
C ASN A 144 14.40 -22.12 6.36
N LEU A 145 14.23 -21.31 7.41
CA LEU A 145 12.93 -20.77 7.75
C LEU A 145 12.36 -20.02 6.54
N MET A 146 13.18 -19.13 5.95
CA MET A 146 12.73 -18.25 4.89
C MET A 146 12.43 -19.06 3.63
N GLN A 147 13.19 -20.15 3.44
CA GLN A 147 12.98 -21.04 2.30
C GLN A 147 11.69 -21.84 2.52
N SER A 148 11.49 -22.33 3.76
CA SER A 148 10.28 -23.08 4.08
C SER A 148 9.03 -22.24 3.81
N VAL A 149 9.02 -21.00 4.32
CA VAL A 149 7.86 -20.12 4.24
C VAL A 149 7.58 -19.82 2.76
N LYS A 150 8.65 -19.50 2.01
CA LYS A 150 8.59 -19.25 0.59
C LYS A 150 7.88 -20.39 -0.14
N GLU A 151 8.21 -21.63 0.21
CA GLU A 151 7.63 -22.79 -0.46
C GLU A 151 6.23 -23.05 0.10
N THR A 152 6.01 -22.74 1.38
CA THR A 152 4.68 -22.81 1.98
C THR A 152 3.73 -21.83 1.28
N VAL A 153 4.25 -20.68 0.83
CA VAL A 153 3.42 -19.71 0.13
C VAL A 153 2.97 -20.30 -1.20
N ARG A 154 3.93 -20.75 -2.02
CA ARG A 154 3.68 -21.23 -3.36
C ARG A 154 2.68 -22.38 -3.35
N GLU A 155 2.89 -23.35 -2.45
CA GLU A 155 2.02 -24.51 -2.31
C GLU A 155 0.60 -24.08 -1.92
N ALA A 156 0.47 -22.98 -1.16
CA ALA A 156 -0.83 -22.42 -0.86
C ALA A 156 -1.49 -21.87 -2.12
N GLU A 157 -0.67 -21.32 -3.03
CA GLU A 157 -1.19 -20.75 -4.26
C GLU A 157 -1.65 -21.90 -5.17
N ALA A 158 -0.95 -23.04 -5.08
CA ALA A 158 -1.31 -24.24 -5.82
C ALA A 158 -2.55 -24.89 -5.19
N ALA A 159 -2.62 -24.87 -3.85
CA ALA A 159 -3.73 -25.50 -3.14
C ALA A 159 -5.01 -24.68 -3.33
N SER A 160 -4.89 -23.36 -3.55
CA SER A 160 -6.02 -22.47 -3.76
C SER A 160 -6.82 -22.81 -5.01
N ILE A 161 -6.17 -23.44 -6.00
CA ILE A 161 -6.83 -23.82 -7.25
C ILE A 161 -7.67 -25.08 -7.03
N LYS A 162 -7.24 -25.95 -6.11
CA LYS A 162 -7.84 -27.25 -5.91
C LYS A 162 -8.70 -27.28 -4.64
N ILE A 163 -9.38 -26.17 -4.33
CA ILE A 163 -10.23 -26.09 -3.15
C ILE A 163 -11.61 -26.68 -3.49
N ARG A 164 -12.17 -27.43 -2.54
CA ARG A 164 -13.50 -28.01 -2.69
C ARG A 164 -14.54 -26.89 -2.74
N THR A 165 -15.55 -27.06 -3.60
CA THR A 165 -16.55 -26.04 -3.87
C THR A 165 -17.30 -25.69 -2.59
N ASP A 166 -17.55 -26.70 -1.75
CA ASP A 166 -18.09 -26.50 -0.42
C ASP A 166 -16.92 -26.21 0.53
N ALA A 167 -16.36 -25.00 0.39
CA ALA A 167 -15.15 -24.62 1.12
C ALA A 167 -15.52 -23.96 2.44
N GLY A 168 -14.79 -24.33 3.50
CA GLY A 168 -14.92 -23.69 4.79
C GLY A 168 -14.06 -22.43 4.87
N PHE A 169 -12.80 -22.56 4.43
CA PHE A 169 -11.82 -21.48 4.53
C PHE A 169 -11.15 -21.27 3.18
N THR A 170 -11.06 -19.99 2.76
CA THR A 170 -10.46 -19.64 1.47
C THR A 170 -9.79 -18.26 1.55
N LEU A 171 -8.54 -18.22 1.06
CA LEU A 171 -7.77 -16.99 1.02
C LEU A 171 -8.07 -16.24 -0.28
N ARG A 172 -7.78 -14.94 -0.30
CA ARG A 172 -7.88 -14.13 -1.50
C ARG A 172 -6.53 -14.06 -2.20
N TRP A 173 -6.53 -14.28 -3.52
CA TRP A 173 -5.32 -14.18 -4.33
C TRP A 173 -5.52 -13.15 -5.44
N VAL A 174 -5.17 -11.90 -5.16
CA VAL A 174 -5.30 -10.81 -6.13
C VAL A 174 -3.97 -10.06 -6.17
N ARG A 175 -3.50 -9.79 -7.40
CA ARG A 175 -2.24 -9.10 -7.61
C ARG A 175 -2.37 -7.67 -7.11
N LYS A 176 -1.22 -7.02 -6.89
CA LYS A 176 -1.23 -5.63 -6.48
C LYS A 176 -1.22 -4.78 -7.74
N THR A 177 -2.01 -3.70 -7.70
CA THR A 177 -2.09 -2.79 -8.84
C THR A 177 -0.88 -1.87 -8.79
N PRO A 178 -0.09 -1.76 -9.88
CA PRO A 178 1.02 -0.82 -9.94
C PRO A 178 0.52 0.62 -10.13
N TRP A 179 1.46 1.57 -10.10
CA TRP A 179 1.13 2.99 -10.09
C TRP A 179 0.73 3.48 -11.47
N TYR A 180 1.13 2.74 -12.52
CA TYR A 180 0.98 3.17 -13.91
C TYR A 180 -0.14 2.42 -14.62
N GLN A 181 -0.93 1.63 -13.88
CA GLN A 181 -1.94 0.75 -14.46
C GLN A 181 -2.86 1.54 -15.40
N LEU B 3 9.68 5.57 -19.22
CA LEU B 3 9.82 5.43 -20.70
C LEU B 3 9.29 4.08 -21.19
N GLY B 4 9.10 3.12 -20.27
CA GLY B 4 8.49 1.84 -20.60
C GLY B 4 6.98 1.85 -20.35
N SER B 5 6.23 1.14 -21.22
CA SER B 5 4.78 1.09 -21.14
C SER B 5 4.34 0.59 -19.77
N GLY B 6 5.01 -0.45 -19.27
CA GLY B 6 4.76 -0.99 -17.94
C GLY B 6 4.06 -2.34 -18.03
N GLU B 7 2.92 -2.38 -18.71
CA GLU B 7 2.19 -3.62 -18.96
C GLU B 7 1.93 -3.76 -20.46
N VAL B 8 1.54 -4.97 -20.86
CA VAL B 8 1.09 -5.25 -22.21
C VAL B 8 -0.40 -5.54 -22.15
N ILE B 9 -1.19 -4.45 -22.19
CA ILE B 9 -2.64 -4.51 -21.99
C ILE B 9 -3.34 -3.63 -23.02
N ASN B 10 -4.61 -3.92 -23.24
CA ASN B 10 -5.52 -3.00 -23.89
C ASN B 10 -5.96 -2.00 -22.83
N GLN B 11 -5.61 -0.72 -23.04
CA GLN B 11 -5.78 0.30 -22.02
C GLN B 11 -7.27 0.60 -21.83
N PRO B 12 -8.06 0.85 -22.91
CA PRO B 12 -9.47 1.18 -22.76
C PRO B 12 -10.24 0.19 -21.87
N MET B 13 -9.95 -1.10 -22.03
CA MET B 13 -10.60 -2.17 -21.28
C MET B 13 -10.21 -2.14 -19.80
N MET B 14 -8.95 -1.82 -19.52
CA MET B 14 -8.47 -1.65 -18.15
C MET B 14 -9.16 -0.45 -17.51
N MET B 15 -9.27 0.65 -18.26
CA MET B 15 -9.88 1.88 -17.76
C MET B 15 -11.33 1.61 -17.39
N ALA B 16 -12.02 0.82 -18.23
CA ALA B 16 -13.41 0.48 -17.96
C ALA B 16 -13.50 -0.31 -16.67
N ALA B 17 -12.57 -1.26 -16.49
CA ALA B 17 -12.50 -2.07 -15.28
C ALA B 17 -12.39 -1.16 -14.06
N ARG B 18 -11.44 -0.21 -14.13
CA ARG B 18 -11.15 0.68 -13.01
C ARG B 18 -12.31 1.63 -12.73
N GLN B 19 -12.99 2.11 -13.79
CA GLN B 19 -14.17 2.97 -13.68
C GLN B 19 -15.22 2.31 -12.79
N LEU B 20 -15.48 1.03 -13.03
CA LEU B 20 -16.48 0.29 -12.29
C LEU B 20 -15.95 -0.05 -10.89
N HIS B 21 -14.63 -0.30 -10.78
CA HIS B 21 -14.02 -0.61 -9.50
C HIS B 21 -14.18 0.60 -8.57
N ASP B 22 -13.81 1.78 -9.07
CA ASP B 22 -14.00 3.04 -8.38
C ASP B 22 -15.42 3.19 -7.84
N GLU B 23 -16.42 2.84 -8.64
CA GLU B 23 -17.81 2.97 -8.21
C GLU B 23 -18.15 1.92 -7.15
N ALA B 24 -17.72 0.68 -7.38
CA ALA B 24 -18.04 -0.43 -6.49
C ALA B 24 -17.26 -0.33 -5.18
N ARG B 25 -16.02 0.17 -5.24
CA ARG B 25 -15.12 0.25 -4.10
C ARG B 25 -15.78 0.98 -2.92
N LYS B 26 -16.42 2.11 -3.20
CA LYS B 26 -17.07 2.94 -2.20
C LYS B 26 -17.82 2.10 -1.17
N TRP B 27 -18.65 1.16 -1.66
CA TRP B 27 -19.63 0.46 -0.83
C TRP B 27 -19.07 -0.85 -0.28
N SER B 28 -19.64 -1.27 0.86
CA SER B 28 -19.31 -2.56 1.46
C SER B 28 -20.09 -3.66 0.75
N SER B 29 -19.59 -4.90 0.85
CA SER B 29 -20.20 -6.05 0.22
C SER B 29 -20.91 -6.94 1.25
N LYS B 30 -20.75 -6.61 2.54
CA LYS B 30 -21.18 -7.48 3.62
C LYS B 30 -22.62 -7.97 3.37
N GLY B 31 -23.49 -7.05 2.92
CA GLY B 31 -24.87 -7.38 2.64
C GLY B 31 -25.34 -6.74 1.33
N ASN B 32 -24.53 -6.90 0.27
CA ASN B 32 -24.81 -6.30 -1.02
C ASN B 32 -24.06 -7.09 -2.09
N ASP B 33 -24.77 -8.04 -2.72
CA ASP B 33 -24.16 -8.98 -3.65
C ASP B 33 -23.92 -8.32 -5.00
N ILE B 34 -24.66 -7.23 -5.31
CA ILE B 34 -24.42 -6.48 -6.52
C ILE B 34 -23.03 -5.85 -6.48
N ILE B 35 -22.63 -5.36 -5.30
CA ILE B 35 -21.32 -4.76 -5.09
C ILE B 35 -20.26 -5.85 -5.22
N ALA B 36 -20.52 -7.00 -4.56
CA ALA B 36 -19.62 -8.13 -4.60
C ALA B 36 -19.42 -8.61 -6.04
N ALA B 37 -20.55 -8.76 -6.76
CA ALA B 37 -20.54 -9.17 -8.15
C ALA B 37 -19.82 -8.12 -9.01
N ALA B 38 -20.05 -6.85 -8.72
CA ALA B 38 -19.42 -5.77 -9.47
C ALA B 38 -17.91 -5.84 -9.33
N LYS B 39 -17.42 -5.99 -8.09
CA LYS B 39 -16.01 -6.14 -7.80
C LYS B 39 -15.42 -7.32 -8.59
N ARG B 40 -16.11 -8.47 -8.57
CA ARG B 40 -15.64 -9.64 -9.29
C ARG B 40 -15.47 -9.32 -10.78
N MET B 41 -16.55 -8.79 -11.41
CA MET B 41 -16.54 -8.39 -12.81
C MET B 41 -15.44 -7.36 -13.09
N ALA B 42 -15.22 -6.43 -12.15
CA ALA B 42 -14.21 -5.42 -12.35
C ALA B 42 -12.84 -6.09 -12.57
N LEU B 43 -12.48 -6.97 -11.62
CA LEU B 43 -11.25 -7.74 -11.71
C LEU B 43 -11.24 -8.60 -12.97
N LEU B 44 -12.33 -9.35 -13.18
CA LEU B 44 -12.42 -10.20 -14.36
C LEU B 44 -12.08 -9.39 -15.60
N MET B 45 -12.64 -8.17 -15.71
CA MET B 45 -12.42 -7.32 -16.86
C MET B 45 -10.94 -6.90 -16.91
N ALA B 46 -10.36 -6.57 -15.74
CA ALA B 46 -8.98 -6.14 -15.68
C ALA B 46 -8.06 -7.22 -16.26
N GLU B 47 -8.43 -8.48 -16.03
CA GLU B 47 -7.72 -9.64 -16.56
C GLU B 47 -7.86 -9.71 -18.07
N MET B 48 -9.11 -9.58 -18.56
CA MET B 48 -9.39 -9.63 -20.00
C MET B 48 -8.47 -8.66 -20.73
N SER B 49 -8.25 -7.47 -20.15
CA SER B 49 -7.46 -6.45 -20.81
C SER B 49 -6.03 -6.94 -21.07
N ARG B 50 -5.49 -7.77 -20.15
CA ARG B 50 -4.21 -8.44 -20.36
C ARG B 50 -4.34 -9.60 -21.34
N LEU B 51 -5.38 -10.44 -21.15
CA LEU B 51 -5.51 -11.69 -21.89
C LEU B 51 -5.68 -11.47 -23.40
N VAL B 52 -6.33 -10.37 -23.81
CA VAL B 52 -6.64 -10.15 -25.22
C VAL B 52 -5.36 -9.83 -26.01
N ARG B 53 -4.24 -9.60 -25.30
CA ARG B 53 -2.95 -9.32 -25.93
C ARG B 53 -2.17 -10.60 -26.18
N GLY B 54 -2.60 -11.71 -25.58
CA GLY B 54 -2.13 -13.03 -25.97
C GLY B 54 -1.00 -13.55 -25.07
N GLY B 55 -0.54 -14.77 -25.39
CA GLY B 55 0.44 -15.49 -24.59
C GLY B 55 0.00 -16.92 -24.33
N SER B 56 0.91 -17.73 -23.77
CA SER B 56 0.61 -19.14 -23.50
C SER B 56 -0.45 -19.25 -22.42
N GLY B 57 -1.62 -19.79 -22.80
CA GLY B 57 -2.71 -20.07 -21.87
C GLY B 57 -3.81 -19.01 -21.95
N THR B 58 -3.67 -18.04 -22.86
CA THR B 58 -4.59 -16.92 -22.92
C THR B 58 -5.87 -17.32 -23.63
N LYS B 59 -5.75 -18.09 -24.73
CA LYS B 59 -6.90 -18.42 -25.55
C LYS B 59 -8.01 -18.96 -24.66
N ARG B 60 -7.63 -19.91 -23.80
CA ARG B 60 -8.56 -20.67 -22.98
C ARG B 60 -9.03 -19.79 -21.82
N ALA B 61 -8.11 -18.99 -21.28
CA ALA B 61 -8.39 -18.16 -20.14
C ALA B 61 -9.28 -16.98 -20.54
N LEU B 62 -9.16 -16.51 -21.79
CA LEU B 62 -10.06 -15.50 -22.34
C LEU B 62 -11.48 -16.04 -22.45
N ILE B 63 -11.64 -17.33 -22.80
CA ILE B 63 -12.95 -17.98 -22.83
C ILE B 63 -13.51 -18.05 -21.40
N GLN B 64 -12.68 -18.55 -20.47
CA GLN B 64 -13.10 -18.80 -19.09
C GLN B 64 -13.40 -17.47 -18.41
N CYS B 65 -12.58 -16.46 -18.70
CA CYS B 65 -12.76 -15.13 -18.15
C CYS B 65 -14.11 -14.57 -18.59
N ALA B 66 -14.46 -14.79 -19.86
CA ALA B 66 -15.70 -14.28 -20.42
C ALA B 66 -16.91 -14.93 -19.75
N LYS B 67 -16.84 -16.26 -19.57
CA LYS B 67 -17.93 -17.03 -18.98
C LYS B 67 -18.20 -16.52 -17.57
N ASP B 68 -17.14 -16.29 -16.79
CA ASP B 68 -17.27 -15.79 -15.42
C ASP B 68 -17.99 -14.45 -15.42
N ILE B 69 -17.55 -13.54 -16.30
CA ILE B 69 -18.17 -12.23 -16.46
C ILE B 69 -19.68 -12.37 -16.72
N ALA B 70 -20.07 -13.35 -17.55
CA ALA B 70 -21.46 -13.54 -17.90
C ALA B 70 -22.27 -14.10 -16.73
N LYS B 71 -21.65 -14.95 -15.89
CA LYS B 71 -22.29 -15.48 -14.70
C LYS B 71 -22.59 -14.33 -13.73
N ALA B 72 -21.59 -13.49 -13.49
CA ALA B 72 -21.75 -12.33 -12.62
C ALA B 72 -22.76 -11.35 -13.19
N SER B 73 -22.83 -11.28 -14.53
CA SER B 73 -23.82 -10.46 -15.21
C SER B 73 -25.22 -10.89 -14.81
N ASP B 74 -25.45 -12.21 -14.78
CA ASP B 74 -26.73 -12.77 -14.38
C ASP B 74 -27.08 -12.29 -12.98
N GLU B 75 -26.13 -12.49 -12.04
CA GLU B 75 -26.32 -12.16 -10.64
C GLU B 75 -26.74 -10.69 -10.49
N VAL B 76 -25.98 -9.79 -11.11
CA VAL B 76 -26.28 -8.37 -11.02
C VAL B 76 -27.72 -8.13 -11.47
N THR B 77 -28.05 -8.65 -12.67
CA THR B 77 -29.36 -8.45 -13.27
C THR B 77 -30.44 -8.97 -12.32
N ARG B 78 -30.33 -10.23 -11.88
CA ARG B 78 -31.35 -10.83 -11.03
C ARG B 78 -31.57 -9.97 -9.80
N LEU B 79 -30.48 -9.50 -9.18
CA LEU B 79 -30.56 -8.72 -7.95
C LEU B 79 -31.19 -7.35 -8.22
N ALA B 80 -30.73 -6.68 -9.28
CA ALA B 80 -31.25 -5.37 -9.66
C ALA B 80 -32.77 -5.40 -9.79
N LYS B 81 -33.29 -6.47 -10.41
CA LYS B 81 -34.72 -6.63 -10.63
C LYS B 81 -35.47 -6.66 -9.30
N GLU B 82 -34.94 -7.42 -8.33
CA GLU B 82 -35.55 -7.52 -7.01
C GLU B 82 -35.60 -6.15 -6.33
N VAL B 83 -34.57 -5.32 -6.55
CA VAL B 83 -34.53 -3.98 -5.99
C VAL B 83 -35.63 -3.12 -6.63
N ALA B 84 -35.82 -3.28 -7.94
CA ALA B 84 -36.81 -2.50 -8.67
C ALA B 84 -38.22 -2.78 -8.13
N LYS B 85 -38.45 -4.00 -7.64
CA LYS B 85 -39.77 -4.40 -7.17
C LYS B 85 -40.19 -3.59 -5.95
N GLN B 86 -39.28 -3.45 -4.97
CA GLN B 86 -39.62 -2.80 -3.70
C GLN B 86 -39.77 -1.28 -3.88
N CYS B 87 -39.05 -0.71 -4.84
CA CYS B 87 -39.01 0.73 -5.03
C CYS B 87 -40.42 1.26 -5.32
N THR B 88 -40.76 2.41 -4.73
CA THR B 88 -42.07 3.01 -4.89
C THR B 88 -41.91 4.43 -5.46
N ASP B 89 -41.02 4.57 -6.44
CA ASP B 89 -40.84 5.83 -7.17
C ASP B 89 -40.92 5.51 -8.66
N LYS B 90 -41.72 6.31 -9.38
CA LYS B 90 -42.01 6.04 -10.78
C LYS B 90 -40.74 6.21 -11.61
N ARG B 91 -39.97 7.27 -11.32
CA ARG B 91 -38.81 7.63 -12.12
C ARG B 91 -37.66 6.64 -11.87
N ILE B 92 -37.25 6.51 -10.61
CA ILE B 92 -36.05 5.77 -10.24
C ILE B 92 -36.21 4.29 -10.62
N ARG B 93 -37.40 3.73 -10.38
CA ARG B 93 -37.69 2.34 -10.70
C ARG B 93 -37.57 2.10 -12.20
N THR B 94 -38.11 3.02 -13.01
CA THR B 94 -38.11 2.90 -14.46
C THR B 94 -36.69 2.97 -14.99
N ASN B 95 -35.93 3.98 -14.53
CA ASN B 95 -34.57 4.21 -14.99
C ASN B 95 -33.66 3.04 -14.63
N LEU B 96 -33.92 2.39 -13.48
CA LEU B 96 -33.14 1.25 -13.05
C LEU B 96 -33.29 0.12 -14.07
N LEU B 97 -34.54 -0.23 -14.39
CA LEU B 97 -34.85 -1.36 -15.24
C LEU B 97 -34.33 -1.15 -16.66
N GLN B 98 -34.28 0.11 -17.11
CA GLN B 98 -33.76 0.45 -18.43
C GLN B 98 -32.26 0.12 -18.53
N VAL B 99 -31.54 0.21 -17.42
CA VAL B 99 -30.09 0.03 -17.41
C VAL B 99 -29.74 -1.44 -17.18
N CYS B 100 -30.40 -2.08 -16.21
CA CYS B 100 -29.99 -3.39 -15.75
C CYS B 100 -30.46 -4.50 -16.70
N GLU B 101 -31.47 -4.20 -17.54
CA GLU B 101 -32.00 -5.20 -18.46
C GLU B 101 -31.11 -5.33 -19.69
N ARG B 102 -30.22 -4.36 -19.90
CA ARG B 102 -29.31 -4.36 -21.05
C ARG B 102 -28.15 -5.34 -20.83
N ILE B 103 -27.91 -5.73 -19.57
CA ILE B 103 -26.68 -6.41 -19.18
C ILE B 103 -26.62 -7.82 -19.76
N PRO B 104 -27.66 -8.68 -19.62
CA PRO B 104 -27.65 -10.02 -20.23
C PRO B 104 -27.24 -10.03 -21.70
N THR B 105 -27.76 -9.06 -22.47
CA THR B 105 -27.48 -8.95 -23.90
C THR B 105 -26.00 -8.66 -24.11
N ILE B 106 -25.51 -7.57 -23.49
CA ILE B 106 -24.13 -7.15 -23.62
C ILE B 106 -23.20 -8.30 -23.21
N SER B 107 -23.56 -9.01 -22.13
CA SER B 107 -22.76 -10.09 -21.60
C SER B 107 -22.61 -11.23 -22.62
N THR B 108 -23.70 -11.56 -23.32
CA THR B 108 -23.71 -12.66 -24.27
C THR B 108 -22.85 -12.28 -25.47
N GLN B 109 -22.98 -11.04 -25.94
CA GLN B 109 -22.22 -10.57 -27.08
C GLN B 109 -20.74 -10.56 -26.73
N LEU B 110 -20.43 -10.20 -25.48
CA LEU B 110 -19.05 -10.19 -25.00
C LEU B 110 -18.47 -11.58 -25.22
N LYS B 111 -19.12 -12.59 -24.61
CA LYS B 111 -18.69 -13.98 -24.73
C LYS B 111 -18.42 -14.35 -26.18
N ILE B 112 -19.40 -14.08 -27.06
CA ILE B 112 -19.31 -14.42 -28.47
C ILE B 112 -18.01 -13.86 -29.04
N LEU B 113 -17.78 -12.56 -28.84
CA LEU B 113 -16.61 -11.87 -29.36
C LEU B 113 -15.34 -12.30 -28.61
N SER B 114 -15.49 -12.67 -27.34
CA SER B 114 -14.37 -13.20 -26.57
C SER B 114 -13.85 -14.49 -27.19
N THR B 115 -14.77 -15.29 -27.74
CA THR B 115 -14.43 -16.55 -28.38
C THR B 115 -13.68 -16.27 -29.69
N VAL B 116 -14.20 -15.32 -30.47
CA VAL B 116 -13.67 -14.96 -31.77
C VAL B 116 -12.20 -14.56 -31.64
N LYS B 117 -11.93 -13.67 -30.67
CA LYS B 117 -10.58 -13.17 -30.40
C LYS B 117 -9.69 -14.33 -29.94
N ALA B 118 -10.22 -15.14 -29.02
CA ALA B 118 -9.48 -16.28 -28.47
C ALA B 118 -9.08 -17.26 -29.57
N THR B 119 -9.92 -17.35 -30.61
CA THR B 119 -9.68 -18.26 -31.73
C THR B 119 -8.53 -17.76 -32.58
N MET B 120 -8.44 -16.43 -32.75
CA MET B 120 -7.53 -15.84 -33.73
C MET B 120 -6.26 -15.32 -33.06
N LEU B 121 -6.10 -15.55 -31.75
CA LEU B 121 -4.81 -15.37 -31.09
C LEU B 121 -3.85 -16.46 -31.55
N GLY B 122 -2.61 -16.07 -31.84
CA GLY B 122 -1.57 -16.99 -32.27
C GLY B 122 -1.98 -17.76 -33.54
N ARG B 123 -2.52 -17.02 -34.51
CA ARG B 123 -3.03 -17.60 -35.75
C ARG B 123 -2.61 -16.72 -36.92
N THR B 124 -1.99 -17.34 -37.93
CA THR B 124 -1.34 -16.61 -39.02
C THR B 124 -2.33 -16.35 -40.14
N ASN B 125 -3.41 -17.15 -40.24
CA ASN B 125 -4.34 -17.06 -41.35
C ASN B 125 -5.44 -16.02 -41.04
N ILE B 126 -5.13 -15.03 -40.21
CA ILE B 126 -6.10 -13.99 -39.86
C ILE B 126 -5.52 -12.64 -40.27
N SER B 127 -6.32 -11.87 -41.03
CA SER B 127 -5.88 -10.59 -41.55
C SER B 127 -5.81 -9.55 -40.44
N ASP B 128 -5.08 -8.47 -40.70
CA ASP B 128 -4.99 -7.34 -39.79
C ASP B 128 -6.38 -6.72 -39.64
N GLU B 129 -7.05 -6.49 -40.76
CA GLU B 129 -8.40 -5.94 -40.77
C GLU B 129 -9.28 -6.73 -39.79
N GLU B 130 -9.40 -8.05 -40.04
CA GLU B 130 -10.32 -8.91 -39.31
C GLU B 130 -9.94 -8.93 -37.83
N SER B 131 -8.64 -8.89 -37.56
CA SER B 131 -8.13 -8.89 -36.19
C SER B 131 -8.54 -7.59 -35.48
N GLU B 132 -8.22 -6.45 -36.12
CA GLU B 132 -8.51 -5.13 -35.59
C GLU B 132 -9.98 -5.01 -35.20
N GLN B 133 -10.86 -5.39 -36.14
CA GLN B 133 -12.30 -5.22 -35.97
C GLN B 133 -12.81 -6.12 -34.83
N ALA B 134 -12.23 -7.32 -34.71
CA ALA B 134 -12.60 -8.27 -33.68
C ALA B 134 -12.29 -7.71 -32.29
N THR B 135 -11.10 -7.11 -32.15
CA THR B 135 -10.74 -6.43 -30.91
C THR B 135 -11.72 -5.27 -30.68
N GLU B 136 -11.95 -4.49 -31.74
CA GLU B 136 -12.80 -3.29 -31.68
C GLU B 136 -14.18 -3.64 -31.13
N MET B 137 -14.82 -4.64 -31.75
CA MET B 137 -16.13 -5.11 -31.31
C MET B 137 -16.08 -5.55 -29.85
N LEU B 138 -15.01 -6.25 -29.46
CA LEU B 138 -14.85 -6.78 -28.11
C LEU B 138 -14.73 -5.66 -27.08
N VAL B 139 -13.89 -4.66 -27.38
CA VAL B 139 -13.66 -3.53 -26.50
C VAL B 139 -14.94 -2.70 -26.34
N HIS B 140 -15.71 -2.57 -27.43
CA HIS B 140 -16.92 -1.75 -27.43
C HIS B 140 -17.97 -2.33 -26.48
N ASN B 141 -18.05 -3.66 -26.40
CA ASN B 141 -18.99 -4.34 -25.52
C ASN B 141 -18.46 -4.38 -24.10
N ALA B 142 -17.13 -4.52 -23.95
CA ALA B 142 -16.46 -4.47 -22.65
C ALA B 142 -16.75 -3.14 -21.95
N GLN B 143 -16.57 -2.03 -22.68
CA GLN B 143 -16.85 -0.69 -22.19
C GLN B 143 -18.34 -0.54 -21.85
N ASN B 144 -19.22 -0.96 -22.77
CA ASN B 144 -20.65 -0.89 -22.57
C ASN B 144 -21.07 -1.63 -21.30
N LEU B 145 -20.52 -2.84 -21.11
CA LEU B 145 -20.83 -3.67 -19.95
C LEU B 145 -20.44 -2.93 -18.65
N MET B 146 -19.24 -2.35 -18.62
CA MET B 146 -18.76 -1.72 -17.40
C MET B 146 -19.63 -0.52 -17.05
N GLN B 147 -20.06 0.23 -18.08
CA GLN B 147 -20.91 1.40 -17.90
C GLN B 147 -22.30 0.97 -17.42
N SER B 148 -22.87 -0.04 -18.10
CA SER B 148 -24.17 -0.57 -17.73
C SER B 148 -24.19 -0.98 -16.26
N VAL B 149 -23.21 -1.80 -15.86
CA VAL B 149 -23.12 -2.32 -14.51
C VAL B 149 -22.90 -1.14 -13.54
N LYS B 150 -21.97 -0.26 -13.87
CA LYS B 150 -21.69 0.91 -13.05
C LYS B 150 -22.98 1.65 -12.74
N GLU B 151 -23.76 1.96 -13.79
CA GLU B 151 -24.96 2.78 -13.65
C GLU B 151 -26.09 1.96 -12.99
N THR B 152 -26.05 0.63 -13.13
CA THR B 152 -26.98 -0.25 -12.44
C THR B 152 -26.71 -0.22 -10.93
N VAL B 153 -25.44 -0.09 -10.54
CA VAL B 153 -25.07 -0.01 -9.14
C VAL B 153 -25.64 1.28 -8.56
N ARG B 154 -25.41 2.39 -9.27
CA ARG B 154 -25.84 3.71 -8.83
C ARG B 154 -27.37 3.77 -8.71
N GLU B 155 -28.09 3.19 -9.69
CA GLU B 155 -29.54 3.26 -9.71
C GLU B 155 -30.13 2.46 -8.55
N ALA B 156 -29.43 1.41 -8.11
CA ALA B 156 -29.89 0.55 -7.03
C ALA B 156 -29.97 1.34 -5.72
N GLU B 157 -28.90 2.08 -5.40
CA GLU B 157 -28.84 2.83 -4.15
C GLU B 157 -29.84 3.98 -4.16
N ALA B 158 -30.12 4.53 -5.35
CA ALA B 158 -31.15 5.55 -5.51
C ALA B 158 -32.53 4.98 -5.22
N ALA B 159 -32.69 3.68 -5.47
CA ALA B 159 -33.93 2.97 -5.17
C ALA B 159 -33.92 2.45 -3.73
N SER B 160 -32.73 2.11 -3.21
CA SER B 160 -32.58 1.69 -1.84
C SER B 160 -33.35 2.62 -0.91
N ILE B 161 -34.18 2.03 -0.05
CA ILE B 161 -35.07 2.75 0.86
C ILE B 161 -34.31 3.13 2.14
N THR B 170 -33.94 -5.95 0.80
CA THR B 170 -33.18 -4.68 0.93
C THR B 170 -31.69 -4.98 0.82
N LEU B 171 -30.89 -3.91 0.73
CA LEU B 171 -29.44 -4.01 0.62
C LEU B 171 -28.79 -3.15 1.70
N ARG B 172 -27.46 -3.21 1.76
CA ARG B 172 -26.67 -2.41 2.69
C ARG B 172 -25.77 -1.47 1.88
N TRP B 173 -25.90 -0.16 2.15
CA TRP B 173 -25.13 0.86 1.46
C TRP B 173 -24.35 1.70 2.47
N VAL B 174 -23.37 1.07 3.12
CA VAL B 174 -22.50 1.75 4.07
C VAL B 174 -21.11 1.85 3.45
N ARG B 175 -20.37 2.90 3.84
CA ARG B 175 -19.05 3.16 3.32
C ARG B 175 -18.05 2.14 3.90
N SER C 1 9.68 -22.32 -10.93
CA SER C 1 10.52 -21.10 -10.99
C SER C 1 9.71 -19.89 -10.50
N ASN C 2 10.31 -18.70 -10.59
CA ASN C 2 9.63 -17.45 -10.24
C ASN C 2 8.56 -17.15 -11.28
N LEU C 3 7.49 -16.48 -10.83
CA LEU C 3 6.29 -16.28 -11.62
C LEU C 3 6.39 -14.99 -12.43
N SER C 4 5.87 -15.04 -13.67
CA SER C 4 5.69 -13.86 -14.50
C SER C 4 4.34 -13.19 -14.19
N GLU C 5 4.06 -12.09 -14.90
CA GLU C 5 2.77 -11.44 -14.81
C GLU C 5 1.65 -12.35 -15.34
N LEU C 6 1.90 -13.02 -16.47
CA LEU C 6 0.87 -13.85 -17.08
C LEU C 6 0.61 -15.06 -16.19
N ASP C 7 1.67 -15.60 -15.56
CA ASP C 7 1.53 -16.66 -14.58
C ASP C 7 0.55 -16.21 -13.50
N ARG C 8 0.92 -15.11 -12.81
CA ARG C 8 0.20 -14.66 -11.63
C ARG C 8 -1.27 -14.35 -11.96
N LEU C 9 -1.54 -13.93 -13.22
CA LEU C 9 -2.89 -13.66 -13.68
C LEU C 9 -3.72 -14.94 -13.73
N LEU C 10 -3.16 -15.99 -14.36
CA LEU C 10 -3.86 -17.27 -14.47
C LEU C 10 -4.12 -17.87 -13.09
N LEU C 11 -3.20 -17.60 -12.14
CA LEU C 11 -3.42 -17.99 -10.76
C LEU C 11 -4.59 -17.23 -10.16
N GLU C 12 -4.52 -15.89 -10.24
CA GLU C 12 -5.59 -15.03 -9.78
C GLU C 12 -6.93 -15.49 -10.35
N LEU C 13 -6.98 -15.66 -11.68
CA LEU C 13 -8.21 -16.01 -12.37
C LEU C 13 -8.77 -17.32 -11.82
N ASN C 14 -7.94 -18.36 -11.80
CA ASN C 14 -8.35 -19.71 -11.42
C ASN C 14 -8.63 -19.81 -9.92
N ALA C 15 -7.96 -18.98 -9.11
CA ALA C 15 -8.06 -19.05 -7.67
C ALA C 15 -9.51 -18.94 -7.23
N VAL C 16 -10.02 -19.97 -6.56
CA VAL C 16 -11.40 -19.97 -6.07
C VAL C 16 -11.43 -19.01 -4.88
N GLN C 17 -12.49 -18.20 -4.81
CA GLN C 17 -12.65 -17.24 -3.73
C GLN C 17 -14.12 -17.25 -3.27
N MET D 1 10.13 -26.37 -10.46
CA MET D 1 9.43 -27.70 -10.51
C MET D 1 8.88 -28.02 -9.13
N ASP D 2 7.83 -27.28 -8.73
CA ASP D 2 7.05 -27.59 -7.55
C ASP D 2 5.60 -27.71 -8.00
N ASP D 3 4.68 -27.83 -7.03
CA ASP D 3 3.28 -28.03 -7.37
C ASP D 3 2.73 -26.82 -8.13
N LEU D 4 3.17 -25.63 -7.73
CA LEU D 4 2.70 -24.41 -8.37
C LEU D 4 3.20 -24.37 -9.81
N ASP D 5 4.46 -24.74 -10.01
CA ASP D 5 5.05 -24.76 -11.34
C ASP D 5 4.30 -25.75 -12.24
N ALA D 6 4.01 -26.93 -11.68
CA ALA D 6 3.32 -27.98 -12.41
C ALA D 6 1.95 -27.48 -12.88
N LEU D 7 1.21 -26.82 -11.99
CA LEU D 7 -0.15 -26.38 -12.30
C LEU D 7 -0.14 -25.26 -13.34
N LEU D 8 0.88 -24.40 -13.32
CA LEU D 8 0.99 -23.31 -14.28
C LEU D 8 1.32 -23.87 -15.66
N ALA D 9 2.16 -24.91 -15.72
CA ALA D 9 2.53 -25.53 -16.98
C ALA D 9 1.31 -26.19 -17.61
N ASP D 10 0.45 -26.78 -16.76
CA ASP D 10 -0.79 -27.42 -17.21
C ASP D 10 -1.73 -26.38 -17.81
N LEU D 11 -1.75 -25.17 -17.22
CA LEU D 11 -2.61 -24.09 -17.65
C LEU D 11 -2.03 -23.36 -18.87
N GLU D 12 -0.75 -23.60 -19.17
CA GLU D 12 -0.11 -22.97 -20.31
C GLU D 12 0.30 -24.02 -21.36
N SER D 13 -0.29 -25.23 -21.25
CA SER D 13 -0.08 -26.31 -22.20
C SER D 13 -0.97 -27.51 -21.81
N GLU E 7 6.20 -1.82 -26.37
CA GLU E 7 4.98 -1.07 -26.79
C GLU E 7 5.31 0.42 -26.89
N VAL E 8 4.89 1.04 -28.00
CA VAL E 8 5.14 2.44 -28.25
C VAL E 8 4.13 3.27 -27.46
N ILE E 9 4.63 4.24 -26.69
CA ILE E 9 3.80 5.21 -26.00
C ILE E 9 4.39 6.59 -26.24
N ASN E 10 3.64 7.63 -25.88
CA ASN E 10 4.14 8.99 -25.94
C ASN E 10 5.08 9.21 -24.76
N GLN E 11 6.36 9.49 -25.06
CA GLN E 11 7.42 9.51 -24.05
C GLN E 11 7.22 10.71 -23.12
N PRO E 12 7.13 11.96 -23.63
CA PRO E 12 6.95 13.13 -22.77
C PRO E 12 5.84 13.03 -21.72
N MET E 13 4.71 12.43 -22.11
CA MET E 13 3.53 12.32 -21.26
C MET E 13 3.81 11.32 -20.14
N MET E 14 4.45 10.20 -20.49
CA MET E 14 4.87 9.19 -19.52
C MET E 14 5.93 9.77 -18.60
N MET E 15 6.88 10.52 -19.18
CA MET E 15 7.98 11.12 -18.44
C MET E 15 7.41 12.10 -17.41
N ALA E 16 6.47 12.93 -17.85
CA ALA E 16 5.82 13.91 -16.99
C ALA E 16 5.01 13.19 -15.91
N ALA E 17 4.36 12.09 -16.29
CA ALA E 17 3.58 11.28 -15.36
C ALA E 17 4.47 10.72 -14.25
N ARG E 18 5.70 10.34 -14.63
CA ARG E 18 6.64 9.71 -13.73
C ARG E 18 7.17 10.75 -12.73
N GLN E 19 7.35 12.00 -13.19
CA GLN E 19 7.93 13.07 -12.38
C GLN E 19 6.95 13.50 -11.28
N LEU E 20 5.65 13.47 -11.59
CA LEU E 20 4.63 13.78 -10.59
C LEU E 20 4.57 12.65 -9.57
N HIS E 21 4.67 11.41 -10.06
CA HIS E 21 4.58 10.23 -9.22
C HIS E 21 5.74 10.19 -8.22
N ASP E 22 6.95 10.51 -8.70
CA ASP E 22 8.14 10.48 -7.87
C ASP E 22 7.96 11.43 -6.69
N GLU E 23 7.30 12.57 -6.92
CA GLU E 23 7.12 13.59 -5.91
C GLU E 23 6.11 13.13 -4.86
N ALA E 24 5.17 12.27 -5.25
CA ALA E 24 4.06 11.86 -4.42
C ALA E 24 4.27 10.48 -3.78
N ARG E 25 5.05 9.62 -4.43
CA ARG E 25 5.05 8.19 -4.14
C ARG E 25 5.61 7.91 -2.75
N LYS E 26 6.55 8.75 -2.27
CA LYS E 26 7.20 8.52 -0.99
C LYS E 26 6.30 8.91 0.19
N TRP E 27 5.19 9.62 -0.08
CA TRP E 27 4.29 10.04 0.98
C TRP E 27 3.06 9.14 1.06
N SER E 28 2.49 9.03 2.26
CA SER E 28 1.27 8.27 2.51
C SER E 28 0.04 9.08 2.09
N SER E 29 -0.95 8.38 1.53
CA SER E 29 -2.20 8.98 1.07
C SER E 29 -3.22 9.11 2.21
N LYS E 30 -2.93 8.49 3.36
CA LYS E 30 -3.83 8.52 4.50
C LYS E 30 -3.81 9.91 5.13
N GLY E 31 -4.98 10.54 5.17
CA GLY E 31 -5.13 11.86 5.76
C GLY E 31 -4.51 12.94 4.89
N ASN E 32 -4.32 12.62 3.59
CA ASN E 32 -3.78 13.57 2.63
C ASN E 32 -4.43 13.32 1.26
N ASP E 33 -5.45 14.12 0.93
CA ASP E 33 -6.17 13.97 -0.32
C ASP E 33 -5.41 14.64 -1.47
N ILE E 34 -4.46 15.53 -1.15
CA ILE E 34 -3.64 16.15 -2.18
C ILE E 34 -2.69 15.11 -2.76
N ILE E 35 -2.08 14.29 -1.89
CA ILE E 35 -1.19 13.22 -2.33
C ILE E 35 -2.02 12.13 -3.03
N ALA E 36 -3.16 11.76 -2.43
CA ALA E 36 -4.02 10.73 -2.99
C ALA E 36 -4.38 11.08 -4.44
N ALA E 37 -4.81 12.34 -4.65
CA ALA E 37 -5.18 12.85 -5.96
C ALA E 37 -3.96 13.02 -6.86
N ALA E 38 -2.80 13.36 -6.28
CA ALA E 38 -1.56 13.51 -7.04
C ALA E 38 -1.08 12.17 -7.60
N LYS E 39 -1.41 11.07 -6.90
CA LYS E 39 -1.07 9.73 -7.37
C LYS E 39 -2.05 9.29 -8.46
N ARG E 40 -3.34 9.62 -8.28
CA ARG E 40 -4.37 9.32 -9.27
C ARG E 40 -4.05 9.99 -10.61
N MET E 41 -3.58 11.24 -10.55
CA MET E 41 -3.33 12.03 -11.75
C MET E 41 -2.11 11.51 -12.49
N ALA E 42 -1.14 10.98 -11.75
CA ALA E 42 0.07 10.42 -12.35
C ALA E 42 -0.29 9.17 -13.15
N LEU E 43 -1.07 8.28 -12.51
CA LEU E 43 -1.64 7.10 -13.16
C LEU E 43 -2.41 7.51 -14.42
N LEU E 44 -3.35 8.44 -14.29
CA LEU E 44 -4.17 8.88 -15.40
C LEU E 44 -3.27 9.36 -16.55
N MET E 45 -2.21 10.09 -16.23
CA MET E 45 -1.34 10.61 -17.29
C MET E 45 -0.62 9.46 -17.98
N ALA E 46 -0.17 8.48 -17.19
CA ALA E 46 0.46 7.28 -17.73
C ALA E 46 -0.49 6.56 -18.69
N GLU E 47 -1.77 6.43 -18.29
CA GLU E 47 -2.81 5.85 -19.13
C GLU E 47 -2.96 6.63 -20.45
N MET E 48 -2.95 7.96 -20.34
CA MET E 48 -3.18 8.83 -21.49
C MET E 48 -2.01 8.73 -22.47
N SER E 49 -0.82 8.38 -21.96
CA SER E 49 0.37 8.25 -22.78
C SER E 49 0.25 7.06 -23.73
N ARG E 50 -0.62 6.11 -23.36
CA ARG E 50 -0.88 4.92 -24.15
C ARG E 50 -2.04 5.15 -25.12
N LEU E 51 -3.02 5.96 -24.68
CA LEU E 51 -4.26 6.15 -25.42
C LEU E 51 -4.04 7.04 -26.64
N VAL E 52 -3.07 7.94 -26.57
CA VAL E 52 -2.77 8.89 -27.64
C VAL E 52 -2.18 8.17 -28.85
N ARG E 53 -1.81 6.89 -28.69
CA ARG E 53 -1.20 6.11 -29.76
C ARG E 53 -2.24 5.47 -30.67
N GLY E 54 -3.53 5.83 -30.50
CA GLY E 54 -4.60 5.18 -31.23
C GLY E 54 -4.80 3.74 -30.75
N GLY E 55 -5.75 3.03 -31.38
CA GLY E 55 -6.08 1.67 -30.99
C GLY E 55 -7.58 1.54 -30.72
N SER E 56 -8.01 0.30 -30.40
CA SER E 56 -9.41 -0.04 -30.29
C SER E 56 -9.98 0.43 -28.95
N GLY E 57 -10.98 1.31 -29.01
CA GLY E 57 -11.65 1.84 -27.83
C GLY E 57 -10.98 3.11 -27.30
N THR E 58 -10.12 3.71 -28.13
CA THR E 58 -9.30 4.85 -27.74
C THR E 58 -10.13 6.12 -27.61
N LYS E 59 -10.99 6.38 -28.62
CA LYS E 59 -11.72 7.65 -28.70
C LYS E 59 -12.42 7.92 -27.37
N ARG E 60 -13.22 6.94 -26.93
CA ARG E 60 -14.04 7.07 -25.73
C ARG E 60 -13.17 7.16 -24.48
N ALA E 61 -12.15 6.30 -24.38
CA ALA E 61 -11.31 6.21 -23.19
C ALA E 61 -10.48 7.47 -22.99
N LEU E 62 -10.07 8.11 -24.09
CA LEU E 62 -9.24 9.31 -24.06
C LEU E 62 -10.05 10.54 -23.62
N ILE E 63 -11.35 10.54 -23.92
CA ILE E 63 -12.26 11.58 -23.47
C ILE E 63 -12.56 11.38 -21.99
N GLN E 64 -12.91 10.15 -21.62
CA GLN E 64 -13.25 9.81 -20.23
C GLN E 64 -12.02 9.97 -19.33
N CYS E 65 -10.82 9.83 -19.91
CA CYS E 65 -9.59 9.98 -19.17
C CYS E 65 -9.35 11.44 -18.79
N ALA E 66 -9.49 12.32 -19.79
CA ALA E 66 -9.31 13.75 -19.58
C ALA E 66 -10.32 14.26 -18.56
N LYS E 67 -11.55 13.72 -18.61
CA LYS E 67 -12.57 14.04 -17.62
C LYS E 67 -12.07 13.66 -16.23
N ASP E 68 -11.49 12.46 -16.08
CA ASP E 68 -11.01 11.96 -14.80
C ASP E 68 -9.81 12.76 -14.32
N ILE E 69 -9.04 13.33 -15.26
CA ILE E 69 -7.92 14.20 -14.95
C ILE E 69 -8.42 15.59 -14.54
N ALA E 70 -9.63 15.95 -14.97
CA ALA E 70 -10.23 17.24 -14.63
C ALA E 70 -10.85 17.16 -13.24
N LYS E 71 -11.52 16.04 -12.94
CA LYS E 71 -12.09 15.80 -11.62
C LYS E 71 -10.99 15.80 -10.57
N ALA E 72 -9.81 15.28 -10.93
CA ALA E 72 -8.68 15.20 -10.01
C ALA E 72 -8.00 16.56 -9.89
N SER E 73 -7.99 17.34 -10.98
CA SER E 73 -7.45 18.69 -10.95
C SER E 73 -8.17 19.54 -9.93
N ASP E 74 -9.50 19.60 -10.06
CA ASP E 74 -10.34 20.37 -9.14
C ASP E 74 -10.06 19.97 -7.70
N GLU E 75 -9.92 18.67 -7.45
CA GLU E 75 -9.66 18.16 -6.11
C GLU E 75 -8.42 18.85 -5.54
N VAL E 76 -7.29 18.69 -6.26
CA VAL E 76 -6.01 19.29 -5.90
C VAL E 76 -6.17 20.80 -5.65
N THR E 77 -6.85 21.50 -6.57
CA THR E 77 -6.95 22.94 -6.49
C THR E 77 -7.68 23.33 -5.20
N ARG E 78 -8.87 22.77 -4.99
CA ARG E 78 -9.69 23.11 -3.85
C ARG E 78 -8.90 22.91 -2.55
N LEU E 79 -8.26 21.73 -2.42
CA LEU E 79 -7.53 21.37 -1.21
C LEU E 79 -6.41 22.38 -0.96
N ALA E 80 -5.70 22.77 -2.04
CA ALA E 80 -4.55 23.64 -1.93
C ALA E 80 -4.96 25.06 -1.52
N LYS E 81 -6.23 25.42 -1.73
CA LYS E 81 -6.74 26.70 -1.30
C LYS E 81 -7.00 26.68 0.21
N GLU E 82 -7.41 25.52 0.72
CA GLU E 82 -7.77 25.40 2.12
C GLU E 82 -6.51 25.40 2.98
N VAL E 83 -5.44 24.73 2.51
CA VAL E 83 -4.16 24.76 3.18
C VAL E 83 -3.60 26.19 3.11
N ALA E 84 -3.75 26.84 1.95
CA ALA E 84 -3.28 28.21 1.77
C ALA E 84 -4.00 29.15 2.73
N LYS E 85 -5.30 28.90 2.93
CA LYS E 85 -6.13 29.68 3.84
C LYS E 85 -5.57 29.64 5.26
N GLN E 86 -4.94 28.52 5.65
CA GLN E 86 -4.50 28.30 7.02
C GLN E 86 -3.05 28.73 7.23
N CYS E 87 -2.33 29.06 6.15
CA CYS E 87 -0.91 29.37 6.24
C CYS E 87 -0.70 30.78 6.80
N THR E 88 0.33 30.93 7.64
CA THR E 88 0.66 32.22 8.25
C THR E 88 1.75 32.96 7.47
N ASP E 89 2.47 32.24 6.59
CA ASP E 89 3.48 32.84 5.75
C ASP E 89 2.81 33.34 4.47
N LYS E 90 3.00 34.63 4.16
CA LYS E 90 2.33 35.27 3.05
C LYS E 90 2.99 34.85 1.73
N ARG E 91 4.33 34.78 1.71
CA ARG E 91 5.05 34.38 0.52
C ARG E 91 4.63 32.98 0.09
N ILE E 92 4.56 32.05 1.05
CA ILE E 92 4.21 30.67 0.74
C ILE E 92 2.74 30.63 0.31
N ARG E 93 1.91 31.43 0.99
CA ARG E 93 0.49 31.51 0.71
C ARG E 93 0.24 32.04 -0.70
N THR E 94 1.02 33.05 -1.12
CA THR E 94 0.85 33.64 -2.44
C THR E 94 1.27 32.64 -3.51
N ASN E 95 2.46 32.05 -3.33
CA ASN E 95 3.06 31.21 -4.37
C ASN E 95 2.21 29.95 -4.59
N LEU E 96 1.63 29.42 -3.50
CA LEU E 96 0.79 28.24 -3.58
C LEU E 96 -0.46 28.55 -4.42
N LEU E 97 -1.09 29.69 -4.12
CA LEU E 97 -2.31 30.10 -4.81
C LEU E 97 -2.02 30.35 -6.29
N GLN E 98 -0.91 31.05 -6.58
CA GLN E 98 -0.50 31.35 -7.93
C GLN E 98 -0.38 30.08 -8.78
N VAL E 99 0.18 29.01 -8.22
CA VAL E 99 0.44 27.80 -8.98
C VAL E 99 -0.86 27.00 -9.16
N CYS E 100 -1.68 26.94 -8.11
CA CYS E 100 -2.83 26.03 -8.09
C CYS E 100 -4.04 26.64 -8.81
N GLU E 101 -4.06 27.97 -8.93
CA GLU E 101 -5.20 28.68 -9.53
C GLU E 101 -5.12 28.62 -11.06
N ARG E 102 -3.99 28.14 -11.58
CA ARG E 102 -3.78 28.00 -13.02
C ARG E 102 -4.24 26.63 -13.49
N ILE E 103 -4.39 25.69 -12.55
CA ILE E 103 -4.62 24.30 -12.85
C ILE E 103 -5.96 24.13 -13.55
N PRO E 104 -7.08 24.69 -13.04
CA PRO E 104 -8.40 24.47 -13.65
C PRO E 104 -8.41 24.80 -15.14
N THR E 105 -7.89 25.98 -15.49
CA THR E 105 -7.75 26.42 -16.87
C THR E 105 -7.02 25.36 -17.70
N ILE E 106 -5.91 24.84 -17.17
CA ILE E 106 -5.05 23.93 -17.91
C ILE E 106 -5.78 22.62 -18.20
N SER E 107 -6.49 22.08 -17.21
CA SER E 107 -7.20 20.82 -17.38
C SER E 107 -8.41 21.01 -18.31
N THR E 108 -9.03 22.19 -18.27
CA THR E 108 -10.12 22.51 -19.19
C THR E 108 -9.60 22.48 -20.63
N GLN E 109 -8.39 23.01 -20.84
CA GLN E 109 -7.78 22.99 -22.17
C GLN E 109 -7.44 21.57 -22.57
N LEU E 110 -7.06 20.75 -21.56
CA LEU E 110 -6.62 19.38 -21.78
C LEU E 110 -7.78 18.53 -22.28
N LYS E 111 -8.97 18.73 -21.71
CA LYS E 111 -10.18 18.07 -22.17
C LYS E 111 -10.51 18.47 -23.61
N ILE E 112 -10.46 19.78 -23.88
CA ILE E 112 -10.77 20.31 -25.20
C ILE E 112 -9.87 19.64 -26.23
N LEU E 113 -8.57 19.54 -25.93
CA LEU E 113 -7.62 19.01 -26.90
C LEU E 113 -7.69 17.49 -26.95
N SER E 114 -8.24 16.88 -25.89
CA SER E 114 -8.38 15.43 -25.83
C SER E 114 -9.53 14.99 -26.73
N THR E 115 -10.64 15.73 -26.66
CA THR E 115 -11.77 15.51 -27.54
C THR E 115 -11.35 15.71 -28.99
N VAL E 116 -10.43 16.68 -29.20
CA VAL E 116 -9.88 16.93 -30.52
C VAL E 116 -9.13 15.69 -30.99
N LYS E 117 -8.18 15.22 -30.19
CA LYS E 117 -7.34 14.11 -30.59
C LYS E 117 -8.16 12.82 -30.68
N ALA E 118 -9.20 12.71 -29.84
CA ALA E 118 -10.06 11.54 -29.81
C ALA E 118 -10.81 11.39 -31.13
N THR E 119 -11.30 12.51 -31.68
CA THR E 119 -12.07 12.48 -32.91
C THR E 119 -11.15 12.30 -34.11
N MET E 120 -9.89 12.70 -33.97
CA MET E 120 -8.92 12.61 -35.06
C MET E 120 -8.50 11.17 -35.30
N LEU E 121 -8.52 10.35 -34.23
CA LEU E 121 -8.11 8.97 -34.33
C LEU E 121 -9.09 8.22 -35.24
N GLY E 122 -8.54 7.35 -36.10
CA GLY E 122 -9.33 6.54 -37.02
C GLY E 122 -9.52 7.23 -38.38
N ARG E 123 -9.74 8.55 -38.35
CA ARG E 123 -10.12 9.31 -39.54
C ARG E 123 -8.95 9.44 -40.51
N THR E 124 -9.26 9.39 -41.81
CA THR E 124 -8.26 9.46 -42.87
C THR E 124 -8.12 10.89 -43.37
N ASN E 125 -9.25 11.61 -43.50
CA ASN E 125 -9.27 12.97 -44.02
C ASN E 125 -8.33 13.88 -43.24
N ILE E 126 -8.08 13.53 -41.96
CA ILE E 126 -7.15 14.26 -41.12
C ILE E 126 -5.74 14.04 -41.65
N SER E 127 -5.00 15.13 -41.89
CA SER E 127 -3.66 15.06 -42.43
C SER E 127 -2.65 14.75 -41.33
N ASP E 128 -1.38 14.60 -41.71
CA ASP E 128 -0.31 14.31 -40.78
C ASP E 128 -0.04 15.53 -39.89
N GLU E 129 0.26 16.68 -40.50
CA GLU E 129 0.60 17.89 -39.76
C GLU E 129 -0.50 18.20 -38.73
N GLU E 130 -1.76 18.17 -39.20
CA GLU E 130 -2.91 18.46 -38.35
C GLU E 130 -2.96 17.48 -37.19
N SER E 131 -2.68 16.20 -37.46
CA SER E 131 -2.71 15.14 -36.46
C SER E 131 -1.53 15.29 -35.49
N GLU E 132 -0.34 15.54 -36.03
CA GLU E 132 0.87 15.69 -35.24
C GLU E 132 0.78 16.95 -34.37
N GLN E 133 0.24 18.02 -34.93
CA GLN E 133 0.12 19.27 -34.20
C GLN E 133 -0.87 19.11 -33.05
N ALA E 134 -1.95 18.36 -33.29
CA ALA E 134 -2.95 18.10 -32.27
C ALA E 134 -2.35 17.33 -31.09
N THR E 135 -1.33 16.51 -31.36
CA THR E 135 -0.64 15.75 -30.34
C THR E 135 0.25 16.70 -29.54
N GLU E 136 1.01 17.55 -30.25
CA GLU E 136 1.98 18.43 -29.64
C GLU E 136 1.31 19.48 -28.74
N MET E 137 0.07 19.84 -29.09
CA MET E 137 -0.71 20.74 -28.27
C MET E 137 -1.16 20.02 -26.99
N LEU E 138 -1.47 18.73 -27.15
CA LEU E 138 -1.97 17.93 -26.04
C LEU E 138 -0.85 17.62 -25.04
N VAL E 139 0.36 17.39 -25.56
CA VAL E 139 1.51 17.07 -24.74
C VAL E 139 1.96 18.32 -23.98
N HIS E 140 1.95 19.46 -24.67
CA HIS E 140 2.35 20.73 -24.08
C HIS E 140 1.52 21.02 -22.84
N ASN E 141 0.19 20.84 -22.94
CA ASN E 141 -0.70 21.16 -21.84
C ASN E 141 -0.55 20.13 -20.73
N ALA E 142 -0.44 18.85 -21.12
CA ALA E 142 -0.25 17.75 -20.20
C ALA E 142 0.99 18.00 -19.31
N GLN E 143 2.10 18.35 -19.95
CA GLN E 143 3.34 18.71 -19.27
C GLN E 143 3.09 19.82 -18.27
N ASN E 144 2.37 20.87 -18.69
CA ASN E 144 2.08 22.02 -17.86
C ASN E 144 1.17 21.63 -16.69
N LEU E 145 0.25 20.68 -16.91
CA LEU E 145 -0.64 20.23 -15.85
C LEU E 145 0.17 19.50 -14.78
N MET E 146 0.94 18.50 -15.22
CA MET E 146 1.71 17.68 -14.30
C MET E 146 2.69 18.57 -13.52
N GLN E 147 3.33 19.49 -14.23
CA GLN E 147 4.34 20.35 -13.62
C GLN E 147 3.70 21.29 -12.60
N SER E 148 2.52 21.83 -12.95
CA SER E 148 1.79 22.73 -12.06
C SER E 148 1.38 21.99 -10.79
N VAL E 149 0.82 20.77 -10.96
CA VAL E 149 0.41 19.92 -9.85
C VAL E 149 1.63 19.56 -8.99
N LYS E 150 2.79 19.35 -9.64
CA LYS E 150 4.00 18.91 -8.97
C LYS E 150 4.46 20.00 -7.99
N GLU E 151 4.51 21.24 -8.45
CA GLU E 151 4.92 22.36 -7.61
C GLU E 151 3.87 22.65 -6.54
N THR E 152 2.60 22.36 -6.84
CA THR E 152 1.52 22.62 -5.91
C THR E 152 1.64 21.71 -4.68
N VAL E 153 2.19 20.51 -4.88
CA VAL E 153 2.40 19.58 -3.79
C VAL E 153 3.54 20.11 -2.92
N ARG E 154 4.65 20.48 -3.56
CA ARG E 154 5.82 21.01 -2.88
C ARG E 154 5.43 22.20 -2.01
N GLU E 155 4.69 23.16 -2.58
CA GLU E 155 4.26 24.34 -1.87
C GLU E 155 3.32 23.97 -0.72
N ALA E 156 2.50 22.94 -0.92
CA ALA E 156 1.54 22.51 0.09
C ALA E 156 2.27 21.88 1.27
N GLU E 157 3.44 21.26 1.01
CA GLU E 157 4.28 20.71 2.05
C GLU E 157 4.84 21.86 2.89
N ALA E 158 5.35 22.89 2.19
CA ALA E 158 5.88 24.08 2.83
C ALA E 158 4.78 24.76 3.62
N ALA E 159 3.61 24.90 3.00
CA ALA E 159 2.47 25.54 3.63
C ALA E 159 2.13 24.85 4.95
N SER E 160 2.27 23.53 4.98
CA SER E 160 1.85 22.72 6.12
C SER E 160 2.78 22.88 7.33
N ILE E 161 3.98 23.46 7.12
CA ILE E 161 4.88 23.79 8.20
C ILE E 161 4.41 25.08 8.89
N LYS E 162 4.08 26.09 8.07
CA LYS E 162 3.69 27.40 8.57
C LYS E 162 2.17 27.48 8.67
N ILE E 163 1.57 26.64 9.52
CA ILE E 163 0.14 26.71 9.80
C ILE E 163 -0.06 27.48 11.10
N ARG E 164 -1.22 28.14 11.22
CA ARG E 164 -1.65 28.73 12.48
C ARG E 164 -2.08 27.62 13.43
N THR E 165 -1.84 27.80 14.73
CA THR E 165 -2.09 26.76 15.72
C THR E 165 -3.58 26.52 15.83
N ASP E 166 -4.39 27.56 15.58
CA ASP E 166 -5.82 27.41 15.44
C ASP E 166 -6.13 26.96 14.02
N ALA E 167 -5.75 25.72 13.70
CA ALA E 167 -5.89 25.19 12.35
C ALA E 167 -7.27 24.60 12.14
N GLY E 168 -8.01 25.14 11.15
CA GLY E 168 -9.27 24.58 10.71
C GLY E 168 -9.03 23.32 9.89
N PHE E 169 -8.21 23.44 8.84
CA PHE E 169 -7.93 22.36 7.91
C PHE E 169 -6.45 21.98 7.99
N THR E 170 -6.14 20.68 7.84
CA THR E 170 -4.76 20.21 7.87
C THR E 170 -4.61 18.84 7.21
N LEU E 171 -3.51 18.67 6.46
CA LEU E 171 -3.15 17.43 5.81
C LEU E 171 -2.10 16.69 6.64
N ARG E 172 -2.04 15.35 6.47
CA ARG E 172 -1.11 14.50 7.19
C ARG E 172 0.09 14.20 6.32
N TRP E 173 1.30 14.56 6.79
CA TRP E 173 2.52 14.38 6.04
C TRP E 173 3.41 13.34 6.72
N VAL E 174 3.35 12.09 6.22
CA VAL E 174 4.05 10.97 6.82
C VAL E 174 4.59 10.07 5.71
N ARG E 175 5.88 9.74 5.80
CA ARG E 175 6.52 8.89 4.80
C ARG E 175 5.99 7.48 4.90
N LYS E 176 5.89 6.81 3.75
CA LYS E 176 5.49 5.41 3.71
C LYS E 176 6.65 4.56 4.20
N THR E 177 6.32 3.46 4.90
CA THR E 177 7.33 2.61 5.51
C THR E 177 7.88 1.68 4.43
N PRO E 178 9.23 1.55 4.28
CA PRO E 178 9.81 0.57 3.35
C PRO E 178 9.58 -0.86 3.82
N TRP E 179 9.60 -1.81 2.87
CA TRP E 179 9.36 -3.21 3.17
C TRP E 179 10.42 -3.78 4.11
N TYR E 180 11.61 -3.15 4.15
CA TYR E 180 12.75 -3.66 4.90
C TYR E 180 12.98 -2.87 6.18
N GLN E 181 12.02 -2.01 6.59
CA GLN E 181 12.23 -1.10 7.70
C GLN E 181 12.46 -1.90 8.99
N GLY F 4 21.25 -2.93 -0.29
CA GLY F 4 22.01 -3.51 0.83
C GLY F 4 21.28 -3.33 2.15
N SER F 5 21.65 -2.29 2.91
CA SER F 5 21.07 -2.03 4.22
C SER F 5 19.64 -1.51 4.06
N GLY F 6 19.49 -0.46 3.25
CA GLY F 6 18.19 0.18 3.03
C GLY F 6 18.11 1.52 3.72
N GLU F 7 18.33 1.53 5.04
CA GLU F 7 18.26 2.74 5.83
C GLU F 7 19.49 2.82 6.74
N VAL F 8 19.98 4.05 6.94
CA VAL F 8 21.01 4.32 7.93
C VAL F 8 20.31 4.77 9.21
N ILE F 9 19.97 3.79 10.07
CA ILE F 9 19.23 4.04 11.30
C ILE F 9 19.80 3.19 12.43
N ASN F 10 19.26 3.42 13.63
CA ASN F 10 19.52 2.55 14.77
C ASN F 10 18.37 1.56 14.90
N GLN F 11 18.60 0.32 14.44
CA GLN F 11 17.54 -0.65 14.23
C GLN F 11 16.77 -0.92 15.52
N PRO F 12 17.42 -1.10 16.69
CA PRO F 12 16.68 -1.36 17.93
C PRO F 12 15.62 -0.32 18.28
N MET F 13 15.92 0.95 18.01
CA MET F 13 14.97 2.02 18.29
C MET F 13 13.80 2.04 17.31
N MET F 14 14.08 1.63 16.04
CA MET F 14 13.02 1.46 15.05
C MET F 14 12.10 0.32 15.47
N MET F 15 12.68 -0.74 16.03
CA MET F 15 11.91 -1.88 16.49
C MET F 15 10.97 -1.41 17.60
N ALA F 16 11.55 -0.74 18.60
CA ALA F 16 10.78 -0.28 19.75
C ALA F 16 9.60 0.55 19.26
N ALA F 17 9.87 1.44 18.30
CA ALA F 17 8.84 2.30 17.71
C ALA F 17 7.75 1.43 17.09
N ARG F 18 8.15 0.45 16.27
CA ARG F 18 7.22 -0.41 15.56
C ARG F 18 6.40 -1.26 16.52
N GLN F 19 7.03 -1.73 17.61
CA GLN F 19 6.34 -2.49 18.66
C GLN F 19 5.19 -1.66 19.22
N LEU F 20 5.44 -0.39 19.49
CA LEU F 20 4.39 0.47 20.03
C LEU F 20 3.32 0.73 18.97
N HIS F 21 3.75 0.85 17.71
CA HIS F 21 2.84 1.19 16.61
C HIS F 21 1.91 0.01 16.34
N ASP F 22 2.41 -1.21 16.55
CA ASP F 22 1.63 -2.43 16.37
C ASP F 22 0.54 -2.53 17.44
N GLU F 23 0.82 -2.03 18.63
CA GLU F 23 -0.14 -2.08 19.73
C GLU F 23 -1.27 -1.08 19.47
N ALA F 24 -0.92 0.18 19.19
CA ALA F 24 -1.89 1.26 19.09
C ALA F 24 -2.72 1.16 17.81
N ARG F 25 -2.14 0.56 16.76
CA ARG F 25 -2.78 0.44 15.45
C ARG F 25 -4.06 -0.38 15.54
N LYS F 26 -4.12 -1.33 16.49
CA LYS F 26 -5.28 -2.19 16.69
C LYS F 26 -6.54 -1.35 16.94
N TRP F 27 -6.40 -0.27 17.71
CA TRP F 27 -7.53 0.48 18.24
C TRP F 27 -7.74 1.78 17.48
N SER F 28 -8.93 2.36 17.65
CA SER F 28 -9.30 3.61 16.98
C SER F 28 -9.01 4.79 17.90
N SER F 29 -8.44 5.86 17.33
CA SER F 29 -8.04 7.03 18.11
C SER F 29 -9.26 7.87 18.49
N LYS F 30 -10.34 7.77 17.71
CA LYS F 30 -11.43 8.72 17.71
C LYS F 30 -11.76 9.18 19.13
N GLY F 31 -12.02 8.24 20.04
CA GLY F 31 -12.43 8.56 21.40
C GLY F 31 -11.38 8.11 22.41
N ASN F 32 -10.11 8.26 22.03
CA ASN F 32 -9.02 7.62 22.74
C ASN F 32 -7.75 8.44 22.48
N ASP F 33 -7.46 9.38 23.39
CA ASP F 33 -6.30 10.25 23.29
C ASP F 33 -5.03 9.47 23.60
N ILE F 34 -5.14 8.45 24.45
CA ILE F 34 -4.03 7.55 24.72
C ILE F 34 -3.50 7.01 23.40
N ILE F 35 -4.41 6.47 22.57
CA ILE F 35 -4.05 5.89 21.29
C ILE F 35 -3.43 6.97 20.39
N ALA F 36 -4.09 8.14 20.34
CA ALA F 36 -3.57 9.26 19.56
C ALA F 36 -2.13 9.57 19.98
N ALA F 37 -1.95 9.89 21.27
CA ALA F 37 -0.62 10.14 21.83
C ALA F 37 0.34 9.01 21.45
N ALA F 38 -0.07 7.76 21.72
CA ALA F 38 0.75 6.58 21.45
C ALA F 38 1.24 6.54 20.00
N LYS F 39 0.32 6.80 19.05
CA LYS F 39 0.65 6.73 17.63
C LYS F 39 1.66 7.81 17.24
N ARG F 40 1.50 9.01 17.83
CA ARG F 40 2.45 10.11 17.64
C ARG F 40 3.80 9.78 18.29
N MET F 41 3.78 9.03 19.39
CA MET F 41 5.02 8.66 20.08
C MET F 41 5.83 7.66 19.25
N ALA F 42 5.13 6.71 18.63
CA ALA F 42 5.78 5.69 17.83
C ALA F 42 6.49 6.34 16.63
N LEU F 43 5.81 7.33 16.03
CA LEU F 43 6.30 8.02 14.84
C LEU F 43 7.49 8.89 15.23
N LEU F 44 7.35 9.58 16.37
CA LEU F 44 8.43 10.39 16.89
C LEU F 44 9.68 9.54 17.19
N MET F 45 9.48 8.36 17.82
CA MET F 45 10.57 7.49 18.20
C MET F 45 11.18 6.81 16.98
N ALA F 46 10.42 6.76 15.88
CA ALA F 46 10.90 6.20 14.64
C ALA F 46 11.85 7.20 13.99
N GLU F 47 11.47 8.48 14.06
CA GLU F 47 12.26 9.57 13.51
C GLU F 47 13.57 9.71 14.28
N MET F 48 13.50 9.46 15.60
CA MET F 48 14.67 9.44 16.47
C MET F 48 15.69 8.42 15.98
N SER F 49 15.23 7.26 15.49
CA SER F 49 16.13 6.18 15.10
C SER F 49 16.94 6.54 13.86
N ARG F 50 16.60 7.66 13.19
CA ARG F 50 17.37 8.17 12.08
C ARG F 50 18.25 9.35 12.52
N LEU F 51 17.74 10.16 13.46
CA LEU F 51 18.39 11.40 13.88
C LEU F 51 19.64 11.11 14.71
N VAL F 52 19.68 9.97 15.39
CA VAL F 52 20.80 9.63 16.26
C VAL F 52 22.00 9.17 15.44
N ARG F 53 21.82 9.01 14.13
CA ARG F 53 22.94 8.75 13.22
C ARG F 53 23.58 10.09 12.87
N GLY F 54 22.76 11.05 12.40
CA GLY F 54 23.20 12.41 12.21
C GLY F 54 23.06 12.87 10.76
N GLY F 55 23.73 13.99 10.45
CA GLY F 55 23.58 14.66 9.17
C GLY F 55 23.02 16.06 9.35
N SER F 56 22.93 16.82 8.25
CA SER F 56 22.56 18.22 8.33
C SER F 56 21.14 18.38 8.87
N GLY F 57 21.03 19.00 10.05
CA GLY F 57 19.75 19.38 10.63
C GLY F 57 19.33 18.49 11.78
N THR F 58 20.13 17.46 12.09
CA THR F 58 19.71 16.40 12.99
C THR F 58 19.85 16.83 14.45
N LYS F 59 20.95 17.51 14.78
CA LYS F 59 21.24 17.83 16.17
C LYS F 59 20.02 18.50 16.79
N ARG F 60 19.46 19.47 16.04
CA ARG F 60 18.39 20.33 16.51
C ARG F 60 17.04 19.61 16.44
N ALA F 61 16.89 18.72 15.45
CA ALA F 61 15.68 17.92 15.31
C ALA F 61 15.59 16.88 16.44
N LEU F 62 16.74 16.30 16.82
CA LEU F 62 16.80 15.33 17.90
C LEU F 62 16.40 15.97 19.22
N ILE F 63 16.79 17.24 19.44
CA ILE F 63 16.33 17.99 20.60
C ILE F 63 14.81 18.14 20.55
N GLN F 64 14.31 18.63 19.40
CA GLN F 64 12.88 18.82 19.17
C GLN F 64 12.13 17.52 19.40
N CYS F 65 12.54 16.48 18.66
CA CYS F 65 11.87 15.21 18.65
C CYS F 65 11.73 14.68 20.08
N ALA F 66 12.77 14.90 20.90
CA ALA F 66 12.79 14.43 22.28
C ALA F 66 11.77 15.19 23.12
N LYS F 67 11.74 16.52 22.93
CA LYS F 67 10.76 17.38 23.59
C LYS F 67 9.35 16.92 23.23
N ASP F 68 9.13 16.60 21.96
CA ASP F 68 7.82 16.16 21.49
C ASP F 68 7.43 14.87 22.20
N ILE F 69 8.33 13.91 22.20
CA ILE F 69 8.12 12.65 22.91
C ILE F 69 7.78 12.90 24.38
N ALA F 70 8.45 13.87 25.01
CA ALA F 70 8.18 14.22 26.40
C ALA F 70 6.75 14.75 26.55
N LYS F 71 6.35 15.71 25.71
CA LYS F 71 5.00 16.24 25.71
C LYS F 71 3.98 15.10 25.61
N ALA F 72 4.10 14.29 24.56
CA ALA F 72 3.17 13.19 24.32
C ALA F 72 3.15 12.20 25.49
N SER F 73 4.34 11.94 26.07
CA SER F 73 4.45 11.02 27.20
C SER F 73 3.56 11.48 28.35
N ASP F 74 3.58 12.79 28.65
CA ASP F 74 2.84 13.35 29.78
C ASP F 74 1.35 13.12 29.57
N GLU F 75 0.88 13.31 28.33
CA GLU F 75 -0.51 13.11 27.98
C GLU F 75 -0.92 11.68 28.33
N VAL F 76 -0.10 10.70 27.90
CA VAL F 76 -0.37 9.30 28.16
C VAL F 76 -0.50 9.08 29.67
N THR F 77 0.44 9.62 30.44
CA THR F 77 0.46 9.48 31.88
C THR F 77 -0.83 10.04 32.48
N ARG F 78 -1.16 11.29 32.15
CA ARG F 78 -2.31 11.97 32.72
C ARG F 78 -3.60 11.18 32.43
N LEU F 79 -3.73 10.69 31.20
CA LEU F 79 -4.93 9.97 30.77
C LEU F 79 -5.04 8.64 31.52
N ALA F 80 -3.93 7.90 31.60
CA ALA F 80 -3.90 6.61 32.25
C ALA F 80 -4.28 6.70 33.73
N LYS F 81 -3.95 7.84 34.37
CA LYS F 81 -4.32 8.10 35.75
C LYS F 81 -5.84 8.17 35.89
N GLU F 82 -6.48 8.95 35.02
CA GLU F 82 -7.93 9.12 35.03
C GLU F 82 -8.63 7.77 34.89
N VAL F 83 -8.08 6.89 34.05
CA VAL F 83 -8.65 5.57 33.82
C VAL F 83 -8.57 4.75 35.10
N ALA F 84 -7.47 4.88 35.83
CA ALA F 84 -7.25 4.14 37.07
C ALA F 84 -8.25 4.56 38.14
N LYS F 85 -8.66 5.83 38.12
CA LYS F 85 -9.59 6.37 39.10
C LYS F 85 -10.94 5.66 38.99
N GLN F 86 -11.40 5.42 37.75
CA GLN F 86 -12.72 4.85 37.51
C GLN F 86 -12.72 3.36 37.84
N CYS F 87 -11.64 2.65 37.47
CA CYS F 87 -11.59 1.20 37.61
C CYS F 87 -11.87 0.78 39.05
N THR F 88 -12.63 -0.31 39.20
CA THR F 88 -13.06 -0.79 40.50
C THR F 88 -12.40 -2.13 40.84
N ASP F 89 -11.52 -2.63 39.96
CA ASP F 89 -10.85 -3.90 40.18
C ASP F 89 -9.45 -3.63 40.74
N LYS F 90 -9.17 -4.22 41.91
CA LYS F 90 -7.94 -3.94 42.66
C LYS F 90 -6.71 -4.20 41.80
N ARG F 91 -6.58 -5.43 41.30
CA ARG F 91 -5.38 -5.85 40.58
C ARG F 91 -5.13 -4.93 39.39
N ILE F 92 -6.17 -4.71 38.57
CA ILE F 92 -6.03 -4.05 37.29
C ILE F 92 -5.64 -2.59 37.51
N ARG F 93 -6.32 -1.92 38.46
CA ARG F 93 -6.08 -0.51 38.71
C ARG F 93 -4.69 -0.31 39.29
N THR F 94 -4.20 -1.28 40.08
CA THR F 94 -2.86 -1.22 40.66
C THR F 94 -1.82 -1.39 39.55
N ASN F 95 -1.93 -2.50 38.81
CA ASN F 95 -0.97 -2.86 37.79
C ASN F 95 -0.86 -1.77 36.73
N LEU F 96 -1.96 -1.07 36.46
CA LEU F 96 -1.95 0.07 35.55
C LEU F 96 -1.06 1.16 36.11
N LEU F 97 -1.27 1.52 37.38
CA LEU F 97 -0.56 2.61 38.04
C LEU F 97 0.93 2.26 38.23
N GLN F 98 1.24 0.96 38.32
CA GLN F 98 2.60 0.50 38.48
C GLN F 98 3.40 0.63 37.18
N VAL F 99 2.71 0.88 36.06
CA VAL F 99 3.35 0.98 34.76
C VAL F 99 3.44 2.46 34.37
N CYS F 100 2.29 3.14 34.32
CA CYS F 100 2.18 4.44 33.67
C CYS F 100 2.96 5.52 34.43
N GLU F 101 3.15 5.35 35.74
CA GLU F 101 3.80 6.35 36.57
C GLU F 101 5.32 6.38 36.33
N ARG F 102 5.85 5.39 35.58
CA ARG F 102 7.26 5.34 35.24
C ARG F 102 7.56 6.29 34.08
N ILE F 103 6.54 6.61 33.26
CA ILE F 103 6.73 7.23 31.96
C ILE F 103 7.33 8.63 32.09
N PRO F 104 6.85 9.50 33.01
CA PRO F 104 7.47 10.83 33.21
C PRO F 104 8.98 10.79 33.45
N THR F 105 9.43 9.82 34.26
CA THR F 105 10.84 9.64 34.55
C THR F 105 11.59 9.24 33.27
N ILE F 106 11.19 8.11 32.68
CA ILE F 106 11.86 7.58 31.51
C ILE F 106 11.96 8.66 30.43
N SER F 107 10.88 9.45 30.26
CA SER F 107 10.85 10.56 29.33
C SER F 107 11.93 11.58 29.67
N THR F 108 11.97 12.04 30.93
CA THR F 108 12.88 13.11 31.34
C THR F 108 14.33 12.70 31.05
N GLN F 109 14.64 11.43 31.30
CA GLN F 109 15.96 10.88 31.03
C GLN F 109 16.23 10.89 29.52
N LEU F 110 15.18 10.65 28.72
CA LEU F 110 15.33 10.54 27.27
C LEU F 110 15.72 11.90 26.68
N LYS F 111 15.09 12.97 27.19
CA LYS F 111 15.43 14.33 26.78
C LYS F 111 16.90 14.62 27.10
N ILE F 112 17.28 14.35 28.36
CA ILE F 112 18.62 14.64 28.85
C ILE F 112 19.65 13.93 27.98
N LEU F 113 19.42 12.65 27.69
CA LEU F 113 20.36 11.88 26.89
C LEU F 113 20.33 12.31 25.43
N SER F 114 19.15 12.69 24.94
CA SER F 114 19.02 13.16 23.57
C SER F 114 19.86 14.43 23.39
N THR F 115 19.79 15.35 24.35
CA THR F 115 20.59 16.56 24.31
C THR F 115 22.08 16.21 24.25
N VAL F 116 22.51 15.22 25.06
CA VAL F 116 23.89 14.77 25.10
C VAL F 116 24.30 14.35 23.69
N LYS F 117 23.66 13.27 23.20
CA LYS F 117 23.97 12.67 21.92
C LYS F 117 23.83 13.68 20.78
N ALA F 118 22.96 14.70 20.93
CA ALA F 118 22.82 15.73 19.91
C ALA F 118 24.03 16.66 19.91
N THR F 119 24.58 16.92 21.10
CA THR F 119 25.70 17.83 21.26
C THR F 119 26.97 17.23 20.64
N MET F 120 27.13 15.90 20.74
CA MET F 120 28.37 15.26 20.34
C MET F 120 28.28 14.70 18.91
N LEU F 121 27.13 14.86 18.25
CA LEU F 121 27.04 14.59 16.81
C LEU F 121 27.88 15.63 16.05
N GLY F 122 28.58 15.16 15.01
CA GLY F 122 29.47 15.99 14.22
C GLY F 122 30.46 16.75 15.10
N ARG F 123 31.26 16.02 15.87
CA ARG F 123 32.18 16.62 16.83
C ARG F 123 33.36 15.67 17.05
N THR F 124 34.57 16.23 17.04
CA THR F 124 35.80 15.43 16.96
C THR F 124 36.35 15.12 18.35
N ASN F 125 36.07 15.98 19.33
CA ASN F 125 36.69 15.88 20.65
C ASN F 125 35.90 14.92 21.55
N ILE F 126 35.45 13.79 20.98
CA ILE F 126 34.59 12.84 21.67
C ILE F 126 35.11 11.44 21.40
N SER F 127 35.40 10.70 22.48
CA SER F 127 35.91 9.34 22.37
C SER F 127 34.83 8.39 21.87
N ASP F 128 35.27 7.26 21.30
CA ASP F 128 34.37 6.21 20.85
C ASP F 128 33.64 5.59 22.04
N GLU F 129 34.36 5.43 23.15
CA GLU F 129 33.76 4.87 24.36
C GLU F 129 32.62 5.77 24.84
N GLU F 130 32.90 7.08 24.93
CA GLU F 130 31.93 8.07 25.36
C GLU F 130 30.76 8.13 24.38
N SER F 131 31.09 8.09 23.08
CA SER F 131 30.09 8.14 22.03
C SER F 131 29.17 6.92 22.10
N GLU F 132 29.75 5.73 22.28
CA GLU F 132 29.00 4.49 22.33
C GLU F 132 28.11 4.45 23.57
N GLN F 133 28.65 4.88 24.72
CA GLN F 133 27.95 4.78 25.99
C GLN F 133 26.78 5.77 26.04
N ALA F 134 26.92 6.91 25.35
CA ALA F 134 25.83 7.86 25.18
C ALA F 134 24.69 7.22 24.40
N THR F 135 25.02 6.57 23.28
CA THR F 135 24.04 5.90 22.42
C THR F 135 23.38 4.75 23.17
N GLU F 136 24.14 4.07 24.05
CA GLU F 136 23.64 2.91 24.76
C GLU F 136 22.57 3.33 25.76
N MET F 137 22.85 4.38 26.53
CA MET F 137 21.91 4.86 27.53
C MET F 137 20.66 5.41 26.85
N LEU F 138 20.83 5.99 25.66
CA LEU F 138 19.74 6.56 24.91
C LEU F 138 18.77 5.47 24.44
N VAL F 139 19.30 4.47 23.73
CA VAL F 139 18.53 3.36 23.20
C VAL F 139 17.77 2.66 24.33
N HIS F 140 18.47 2.43 25.46
CA HIS F 140 17.91 1.74 26.62
C HIS F 140 16.69 2.48 27.16
N ASN F 141 16.81 3.81 27.31
CA ASN F 141 15.70 4.63 27.78
C ASN F 141 14.59 4.64 26.74
N ALA F 142 14.97 4.68 25.45
CA ALA F 142 14.02 4.73 24.34
C ALA F 142 13.22 3.43 24.26
N GLN F 143 13.86 2.30 24.61
CA GLN F 143 13.22 0.99 24.59
C GLN F 143 12.30 0.83 25.79
N ASN F 144 12.74 1.35 26.94
CA ASN F 144 11.96 1.32 28.16
C ASN F 144 10.72 2.20 28.01
N LEU F 145 10.85 3.32 27.29
CA LEU F 145 9.72 4.21 27.06
C LEU F 145 8.64 3.49 26.27
N MET F 146 9.01 2.95 25.10
CA MET F 146 8.08 2.29 24.21
C MET F 146 7.37 1.12 24.91
N GLN F 147 8.09 0.42 25.79
CA GLN F 147 7.57 -0.75 26.49
C GLN F 147 6.59 -0.30 27.58
N SER F 148 6.97 0.75 28.31
CA SER F 148 6.16 1.30 29.39
C SER F 148 4.85 1.87 28.85
N VAL F 149 4.92 2.51 27.67
CA VAL F 149 3.72 3.01 26.99
C VAL F 149 2.89 1.84 26.50
N LYS F 150 3.52 0.86 25.85
CA LYS F 150 2.80 -0.26 25.25
C LYS F 150 1.96 -0.98 26.29
N GLU F 151 2.48 -1.09 27.53
CA GLU F 151 1.82 -1.84 28.57
C GLU F 151 0.75 -0.97 29.24
N THR F 152 0.95 0.35 29.19
CA THR F 152 -0.06 1.30 29.67
C THR F 152 -1.30 1.21 28.78
N VAL F 153 -1.09 1.11 27.46
CA VAL F 153 -2.19 1.02 26.52
C VAL F 153 -2.99 -0.25 26.82
N ARG F 154 -2.27 -1.36 27.07
CA ARG F 154 -2.90 -2.65 27.32
C ARG F 154 -3.66 -2.62 28.65
N GLU F 155 -3.06 -2.02 29.68
CA GLU F 155 -3.65 -1.97 31.00
C GLU F 155 -4.82 -0.98 31.03
N ALA F 156 -4.80 -0.01 30.12
CA ALA F 156 -5.88 0.97 30.01
C ALA F 156 -7.18 0.30 29.59
N GLU F 157 -7.11 -0.57 28.58
CA GLU F 157 -8.29 -1.22 28.04
C GLU F 157 -8.79 -2.28 29.03
N ALA F 158 -7.87 -3.05 29.61
CA ALA F 158 -8.21 -4.05 30.61
C ALA F 158 -8.90 -3.41 31.80
N ALA F 159 -8.63 -2.11 32.02
CA ALA F 159 -9.28 -1.34 33.06
C ALA F 159 -10.53 -0.64 32.52
N SER F 160 -10.58 -0.35 31.22
CA SER F 160 -11.73 0.26 30.59
C SER F 160 -12.88 -0.75 30.47
N ILE F 161 -13.24 -1.34 31.62
CA ILE F 161 -14.49 -2.08 31.77
C ILE F 161 -15.54 -1.09 32.27
N LYS F 162 -15.09 0.08 32.77
CA LYS F 162 -15.94 1.19 33.14
C LYS F 162 -16.75 0.81 34.40
N PHE F 169 -14.93 9.39 33.36
CA PHE F 169 -14.14 9.40 32.11
C PHE F 169 -14.09 7.97 31.55
N THR F 170 -14.39 7.83 30.26
CA THR F 170 -14.35 6.55 29.59
C THR F 170 -13.50 6.68 28.33
N LEU F 171 -13.18 5.54 27.69
CA LEU F 171 -12.46 5.53 26.43
C LEU F 171 -13.19 4.63 25.43
N ARG F 172 -12.73 4.65 24.18
CA ARG F 172 -13.32 3.88 23.10
C ARG F 172 -12.31 2.89 22.55
N TRP F 173 -12.67 1.60 22.61
CA TRP F 173 -11.79 0.52 22.22
C TRP F 173 -12.46 -0.33 21.13
N VAL F 174 -12.77 0.32 19.99
CA VAL F 174 -13.26 -0.36 18.81
C VAL F 174 -12.06 -0.62 17.88
N ARG F 175 -12.02 -1.81 17.28
CA ARG F 175 -10.93 -2.18 16.39
C ARG F 175 -11.07 -1.42 15.06
N SER G 1 15.15 21.29 -4.83
CA SER G 1 15.38 20.09 -5.69
C SER G 1 14.64 18.89 -5.12
N ASN G 2 14.95 17.69 -5.65
CA ASN G 2 14.34 16.45 -5.20
C ASN G 2 14.71 16.20 -3.75
N LEU G 3 13.77 15.59 -3.00
CA LEU G 3 13.93 15.42 -1.57
C LEU G 3 14.67 14.11 -1.27
N SER G 4 15.46 14.14 -0.19
CA SER G 4 16.13 12.95 0.33
C SER G 4 15.38 12.44 1.55
N GLU G 5 15.74 11.23 2.01
CA GLU G 5 15.14 10.59 3.16
C GLU G 5 15.13 11.51 4.37
N LEU G 6 16.24 12.25 4.58
CA LEU G 6 16.36 13.15 5.72
C LEU G 6 15.42 14.34 5.51
N ASP G 7 15.51 14.96 4.33
CA ASP G 7 14.64 16.08 3.95
C ASP G 7 13.17 15.77 4.23
N ARG G 8 12.76 14.51 4.01
CA ARG G 8 11.35 14.14 4.19
C ARG G 8 11.03 13.96 5.67
N LEU G 9 11.99 13.43 6.44
CA LEU G 9 11.82 13.19 7.86
C LEU G 9 11.64 14.51 8.60
N LEU G 10 12.39 15.54 8.19
CA LEU G 10 12.34 16.82 8.86
C LEU G 10 10.98 17.46 8.59
N LEU G 11 10.62 17.53 7.30
CA LEU G 11 9.26 17.86 6.89
C LEU G 11 8.26 17.14 7.79
N GLU G 12 8.39 15.81 7.86
CA GLU G 12 7.45 15.00 8.62
C GLU G 12 7.43 15.46 10.08
N LEU G 13 8.61 15.73 10.65
CA LEU G 13 8.73 16.17 12.03
C LEU G 13 8.13 17.57 12.20
N ASN G 14 8.31 18.44 11.21
CA ASN G 14 7.96 19.85 11.35
C ASN G 14 6.50 20.12 10.98
N ALA G 15 5.92 19.28 10.12
CA ALA G 15 4.54 19.46 9.69
C ALA G 15 3.60 19.12 10.84
N VAL G 16 2.72 20.08 11.20
CA VAL G 16 1.80 19.92 12.30
C VAL G 16 0.69 18.93 11.89
N MET H 1 12.06 23.30 -6.32
CA MET H 1 12.78 24.21 -5.39
C MET H 1 11.76 25.10 -4.68
N ASP H 2 11.76 26.39 -5.01
CA ASP H 2 10.78 27.35 -4.51
C ASP H 2 10.79 27.30 -2.98
N ASP H 3 9.61 27.41 -2.36
CA ASP H 3 9.51 27.66 -0.93
C ASP H 3 9.91 26.42 -0.12
N LEU H 4 9.73 25.24 -0.71
CA LEU H 4 9.95 24.00 0.01
C LEU H 4 11.43 23.80 0.26
N ASP H 5 12.25 24.12 -0.74
CA ASP H 5 13.70 24.03 -0.61
C ASP H 5 14.18 25.03 0.44
N ALA H 6 13.68 26.26 0.34
CA ALA H 6 14.09 27.34 1.23
C ALA H 6 13.86 26.94 2.70
N LEU H 7 12.81 26.17 2.97
CA LEU H 7 12.49 25.74 4.33
C LEU H 7 13.41 24.59 4.75
N LEU H 8 13.79 23.73 3.81
CA LEU H 8 14.69 22.62 4.10
C LEU H 8 16.10 23.13 4.34
N ALA H 9 16.53 24.14 3.58
CA ALA H 9 17.84 24.75 3.78
C ALA H 9 17.90 25.39 5.17
N ASP H 10 16.82 26.07 5.55
CA ASP H 10 16.71 26.74 6.83
C ASP H 10 16.91 25.74 7.97
N LEU H 11 16.39 24.53 7.80
CA LEU H 11 16.37 23.53 8.86
C LEU H 11 17.68 22.74 8.89
N GLU H 12 18.56 22.98 7.90
CA GLU H 12 19.80 22.23 7.78
C GLU H 12 20.99 23.20 7.71
N SER H 13 20.80 24.43 8.20
CA SER H 13 21.84 25.44 8.24
C SER H 13 21.44 26.61 9.15
#